data_8SN9
#
_entry.id   8SN9
#
loop_
_entity.id
_entity.type
_entity.pdbx_description
1 polymer 'Histone H3.1'
2 polymer 'Histone H4'
3 polymer 'Histone H2A type 1-B/E'
4 polymer 'Histone H2B type 1-J'
5 polymer 'DNA (147-MER)'
6 polymer 'DNA (147-MER)'
7 polymer 'E3 ubiquitin-protein ligase RNF168'
8 polymer 'Ubiquitin-conjugating enzyme E2 D3'
9 polymer Polyubiquitin-B
10 non-polymer 'ZINC ION'
#
loop_
_entity_poly.entity_id
_entity_poly.type
_entity_poly.pdbx_seq_one_letter_code
_entity_poly.pdbx_strand_id
1 'polypeptide(L)'
;GPGHMARTKQTARKSTGGKAPRKQLATKAARKSAPATGGVKKPHRYRPGTVALREIRRYQKSTELLIRKLPFQRLVREIA
QDFKTDLRFQSSAVMALQEACEAYLVGLFEDTNLCAIHAKRVTIMPKDIQLARRIRGERA
;
A,E
2 'polypeptide(L)'
;GPGHMSGRGKGGKGLGKGGAKRHRKVLRDNIQGITKPAIRRLARRGGVKRISGLIYEETRGVLKVFLENVIRDAVTYTEH
AKRKTVTAMDVVYALKRQGRTLYGFGG
;
B,F
3 'polypeptide(L)'
;SAKACTRSSRAGLQFPVGRVHRLLRKGNYSERVGAGAPVYLAAVLEYLTAEILELAGNAARDNKKTRIIPRHLQLAIRND
EELNKLLGRVTIAQGGVLPNIQAVLLPKKTESHHKAKGK
;
C,G
4 'polypeptide(L)'
;GPGHMPEPAKSAPAPKKGSKKAVTKAQKKDGKKRKRSRKESYSIYVYKVLKQVHPDTGISSKAMGIMNSFVNDIFERIAG
EASRLAHYNKRSTITSREIQTAVRLLLPGELAKHAVSEGTKAVTKYTS
;
D,H
5 'polydeoxyribonucleotide'
;(DA)(DT)(DC)(DG)(DA)(DG)(DA)(DA)(DT)(DC)(DC)(DC)(DG)(DG)(DT)(DG)(DC)(DC)(DG)(DA)
(DG)(DG)(DC)(DC)(DG)(DC)(DT)(DC)(DA)(DA)(DT)(DT)(DG)(DG)(DT)(DC)(DG)(DT)(DA)(DG)
(DA)(DC)(DA)(DG)(DC)(DT)(DC)(DT)(DA)(DG)(DC)(DA)(DC)(DC)(DG)(DC)(DT)(DT)(DA)(DA)
(DA)(DC)(DG)(DC)(DA)(DC)(DG)(DT)(DA)(DC)(DG)(DC)(DG)(DC)(DT)(DG)(DT)(DC)(DC)(DC)
(DC)(DC)(DG)(DC)(DG)(DT)(DT)(DT)(DT)(DA)(DA)(DC)(DC)(DG)(DC)(DC)(DA)(DA)(DG)(DG)
(DG)(DG)(DA)(DT)(DT)(DA)(DC)(DT)(DC)(DC)(DC)(DT)(DA)(DG)(DT)(DC)(DT)(DC)(DC)(DA)
(DG)(DG)(DC)(DA)(DC)(DG)(DT)(DG)(DT)(DC)(DA)(DG)(DA)(DT)(DA)(DT)(DA)(DT)(DA)(DC)
(DA)(DT)(DC)(DC)(DG)(DA)(DT)
;
I
6 'polydeoxyribonucleotide'
;(DA)(DT)(DC)(DG)(DG)(DA)(DT)(DG)(DT)(DA)(DT)(DA)(DT)(DA)(DT)(DC)(DT)(DG)(DA)(DC)
(DA)(DC)(DG)(DT)(DG)(DC)(DC)(DT)(DG)(DG)(DA)(DG)(DA)(DC)(DT)(DA)(DG)(DG)(DG)(DA)
(DG)(DT)(DA)(DA)(DT)(DC)(DC)(DC)(DC)(DT)(DT)(DG)(DG)(DC)(DG)(DG)(DT)(DT)(DA)(DA)
(DA)(DA)(DC)(DG)(DC)(DG)(DG)(DG)(DG)(DG)(DA)(DC)(DA)(DG)(DC)(DG)(DC)(DG)(DT)(DA)
(DC)(DG)(DT)(DG)(DC)(DG)(DT)(DT)(DT)(DA)(DA)(DG)(DC)(DG)(DG)(DT)(DG)(DC)(DT)(DA)
(DG)(DA)(DG)(DC)(DT)(DG)(DT)(DC)(DT)(DA)(DC)(DG)(DA)(DC)(DC)(DA)(DA)(DT)(DT)(DG)
(DA)(DG)(DC)(DG)(DG)(DC)(DC)(DT)(DC)(DG)(DG)(DC)(DA)(DC)(DC)(DG)(DG)(DG)(DA)(DT)
(DT)(DC)(DT)(DC)(DG)(DA)(DT)
;
J
7 'polypeptide(L)'
;MGHHHHHHGSMALPKDAIPSLSECQCGICMEILVEPVTLPCNHTLCKPCFQSTVEKASLCCPFCRRRVSSWTRYHTRRNS
LVNVELWTIIQKHYPRECKLRAS
;
K
8 'polypeptide(L)'
;GPGHMALKRINKELSDLARDPPAQISAGPVGDDMFHWQATIMGPNDSPYQGGVFFLTIHFPTDYPFKPPKVAFTTRIYHP
NINSNGSICLDILRSQWSPALTISKVLLSIASLLDDPNPDDPKVPEIARIYKTDRDKYNRISREWTQKYAM
;
L
9 'polypeptide(L)'
;GPGHMMQIFVKTLTGKTITLEVEPSDTIENVKAKIQDKEGIPPDQQRLIFAGKQLEDGRTLSDYNIQKESTLHLVLRLRG
G
;
M
#
loop_
_chem_comp.id
_chem_comp.type
_chem_comp.name
_chem_comp.formula
DA DNA linking 2'-DEOXYADENOSINE-5'-MONOPHOSPHATE 'C10 H14 N5 O6 P'
DC DNA linking 2'-DEOXYCYTIDINE-5'-MONOPHOSPHATE 'C9 H14 N3 O7 P'
DG DNA linking 2'-DEOXYGUANOSINE-5'-MONOPHOSPHATE 'C10 H14 N5 O7 P'
DT DNA linking THYMIDINE-5'-MONOPHOSPHATE 'C10 H15 N2 O8 P'
ZN non-polymer 'ZINC ION' 'Zn 2'
#
# COMPACT_ATOMS: atom_id res chain seq x y z
N LYS A 42 -35.71 -24.88 51.21
CA LYS A 42 -36.96 -25.60 50.91
C LYS A 42 -37.42 -25.44 49.46
N PRO A 43 -37.43 -24.21 48.91
CA PRO A 43 -37.76 -24.08 47.48
C PRO A 43 -36.75 -24.83 46.61
N HIS A 44 -37.25 -25.36 45.50
CA HIS A 44 -36.45 -26.19 44.61
C HIS A 44 -35.60 -25.28 43.72
N ARG A 45 -34.28 -25.35 43.88
CA ARG A 45 -33.35 -24.62 43.05
C ARG A 45 -32.33 -25.60 42.48
N TYR A 46 -31.99 -25.43 41.21
CA TYR A 46 -31.05 -26.31 40.54
C TYR A 46 -29.64 -26.11 41.09
N ARG A 47 -28.85 -27.17 41.03
CA ARG A 47 -27.44 -27.06 41.35
C ARG A 47 -26.75 -26.14 40.35
N PRO A 48 -25.90 -25.22 40.80
CA PRO A 48 -25.34 -24.21 39.88
C PRO A 48 -24.56 -24.85 38.74
N GLY A 49 -25.02 -24.61 37.53
CA GLY A 49 -24.34 -25.10 36.34
C GLY A 49 -25.26 -25.70 35.30
N THR A 50 -26.36 -26.33 35.73
CA THR A 50 -27.19 -27.07 34.79
C THR A 50 -28.08 -26.15 33.95
N VAL A 51 -28.58 -25.05 34.51
CA VAL A 51 -29.41 -24.17 33.71
C VAL A 51 -28.55 -23.42 32.69
N ALA A 52 -27.26 -23.28 32.96
CA ALA A 52 -26.36 -22.78 31.92
C ALA A 52 -26.32 -23.73 30.73
N LEU A 53 -26.27 -25.04 31.00
CA LEU A 53 -26.33 -26.02 29.92
C LEU A 53 -27.66 -25.96 29.18
N ARG A 54 -28.75 -25.75 29.93
CA ARG A 54 -30.06 -25.61 29.28
C ARG A 54 -30.10 -24.39 28.38
N GLU A 55 -29.53 -23.27 28.83
CA GLU A 55 -29.47 -22.08 27.98
C GLU A 55 -28.59 -22.31 26.76
N ILE A 56 -27.48 -23.04 26.92
CA ILE A 56 -26.64 -23.37 25.77
C ILE A 56 -27.42 -24.18 24.76
N ARG A 57 -28.17 -25.18 25.23
CA ARG A 57 -28.96 -26.00 24.33
C ARG A 57 -30.05 -25.18 23.63
N ARG A 58 -30.69 -24.26 24.35
CA ARG A 58 -31.78 -23.49 23.76
C ARG A 58 -31.26 -22.47 22.76
N TYR A 59 -30.20 -21.75 23.11
CA TYR A 59 -29.71 -20.65 22.28
C TYR A 59 -28.93 -21.13 21.07
N GLN A 60 -28.56 -22.41 21.01
CA GLN A 60 -27.87 -22.95 19.85
C GLN A 60 -28.85 -23.47 18.80
N LYS A 61 -30.15 -23.47 19.08
CA LYS A 61 -31.16 -23.87 18.13
C LYS A 61 -31.86 -22.69 17.48
N SER A 62 -32.10 -21.62 18.23
CA SER A 62 -32.72 -20.43 17.68
C SER A 62 -31.75 -19.69 16.77
N THR A 63 -32.27 -18.73 16.01
CA THR A 63 -31.44 -17.96 15.10
C THR A 63 -31.78 -16.47 15.13
N GLU A 64 -32.37 -15.98 16.22
CA GLU A 64 -32.66 -14.56 16.34
C GLU A 64 -31.38 -13.77 16.54
N LEU A 65 -31.52 -12.45 16.65
CA LEU A 65 -30.38 -11.57 16.91
C LEU A 65 -30.37 -11.24 18.39
N LEU A 66 -29.28 -11.61 19.06
CA LEU A 66 -29.25 -11.56 20.52
C LEU A 66 -29.10 -10.14 21.02
N ILE A 67 -28.24 -9.33 20.39
CA ILE A 67 -28.07 -7.95 20.81
C ILE A 67 -29.33 -7.16 20.47
N ARG A 68 -29.65 -6.18 21.30
CA ARG A 68 -30.80 -5.34 21.05
C ARG A 68 -30.57 -4.45 19.84
N LYS A 69 -31.66 -3.94 19.27
CA LYS A 69 -31.61 -3.24 18.00
C LYS A 69 -31.23 -1.76 18.15
N LEU A 70 -32.02 -1.01 18.91
CA LEU A 70 -31.76 0.42 19.05
C LEU A 70 -30.40 0.76 19.66
N PRO A 71 -29.92 0.10 20.72
CA PRO A 71 -28.58 0.42 21.21
C PRO A 71 -27.50 0.20 20.16
N PHE A 72 -27.60 -0.88 19.38
CA PHE A 72 -26.62 -1.13 18.33
C PHE A 72 -26.70 -0.06 17.24
N GLN A 73 -27.92 0.33 16.88
CA GLN A 73 -28.09 1.40 15.90
C GLN A 73 -27.47 2.70 16.38
N ARG A 74 -27.68 3.03 17.66
CA ARG A 74 -27.10 4.26 18.20
C ARG A 74 -25.58 4.19 18.21
N LEU A 75 -25.02 3.03 18.56
CA LEU A 75 -23.57 2.89 18.58
C LEU A 75 -22.98 3.06 17.18
N VAL A 76 -23.60 2.41 16.19
CA VAL A 76 -23.06 2.50 14.83
C VAL A 76 -23.21 3.92 14.30
N ARG A 77 -24.30 4.60 14.64
CA ARG A 77 -24.46 5.99 14.24
C ARG A 77 -23.40 6.88 14.88
N GLU A 78 -23.09 6.63 16.16
CA GLU A 78 -22.08 7.42 16.84
C GLU A 78 -20.71 7.24 16.18
N ILE A 79 -20.35 5.99 15.88
CA ILE A 79 -19.05 5.77 15.23
C ILE A 79 -19.02 6.42 13.85
N ALA A 80 -20.09 6.27 13.07
CA ALA A 80 -20.12 6.87 11.74
C ALA A 80 -20.01 8.38 11.81
N GLN A 81 -20.75 9.02 12.72
CA GLN A 81 -20.66 10.48 12.83
C GLN A 81 -19.30 10.91 13.34
N ASP A 82 -18.62 10.05 14.11
CA ASP A 82 -17.23 10.33 14.45
C ASP A 82 -16.34 10.26 13.21
N PHE A 83 -16.70 9.44 12.23
CA PHE A 83 -15.91 9.39 11.00
C PHE A 83 -16.26 10.54 10.05
N LYS A 84 -17.51 10.60 9.59
CA LYS A 84 -17.94 11.66 8.68
C LYS A 84 -19.30 12.19 9.14
N THR A 85 -19.38 13.49 9.32
CA THR A 85 -20.58 14.10 9.88
C THR A 85 -21.71 14.10 8.85
N ASP A 86 -22.94 14.18 9.37
CA ASP A 86 -24.16 14.26 8.55
C ASP A 86 -24.28 13.05 7.62
N LEU A 87 -24.40 11.88 8.23
CA LEU A 87 -24.54 10.62 7.51
C LEU A 87 -25.90 10.00 7.79
N ARG A 88 -26.40 9.27 6.80
CA ARG A 88 -27.68 8.57 6.92
C ARG A 88 -27.48 7.10 6.60
N PHE A 89 -28.27 6.25 7.25
CA PHE A 89 -28.11 4.81 7.16
C PHE A 89 -29.39 4.17 6.64
N GLN A 90 -29.25 3.33 5.61
CA GLN A 90 -30.33 2.42 5.26
C GLN A 90 -30.47 1.35 6.34
N SER A 91 -31.71 0.95 6.62
CA SER A 91 -31.92 -0.07 7.65
C SER A 91 -31.23 -1.37 7.31
N SER A 92 -31.17 -1.71 6.01
CA SER A 92 -30.47 -2.92 5.61
C SER A 92 -29.00 -2.88 5.99
N ALA A 93 -28.37 -1.71 5.90
CA ALA A 93 -26.98 -1.59 6.31
C ALA A 93 -26.81 -1.89 7.78
N VAL A 94 -27.69 -1.36 8.62
CA VAL A 94 -27.61 -1.62 10.06
C VAL A 94 -27.80 -3.10 10.34
N MET A 95 -28.78 -3.73 9.68
CA MET A 95 -28.99 -5.16 9.89
C MET A 95 -27.78 -5.97 9.48
N ALA A 96 -27.17 -5.64 8.34
CA ALA A 96 -26.00 -6.37 7.88
C ALA A 96 -24.83 -6.21 8.86
N LEU A 97 -24.62 -4.99 9.35
CA LEU A 97 -23.56 -4.77 10.31
C LEU A 97 -23.78 -5.59 11.58
N GLN A 98 -25.02 -5.62 12.07
CA GLN A 98 -25.32 -6.38 13.28
C GLN A 98 -25.11 -7.87 13.06
N GLU A 99 -25.51 -8.38 11.91
CA GLU A 99 -25.31 -9.81 11.62
C GLU A 99 -23.82 -10.15 11.57
N ALA A 100 -23.02 -9.31 10.91
CA ALA A 100 -21.59 -9.56 10.84
C ALA A 100 -20.95 -9.55 12.22
N CYS A 101 -21.32 -8.56 13.05
CA CYS A 101 -20.74 -8.49 14.38
C CYS A 101 -21.12 -9.69 15.23
N GLU A 102 -22.38 -10.13 15.14
CA GLU A 102 -22.81 -11.29 15.90
C GLU A 102 -22.04 -12.53 15.49
N ALA A 103 -21.88 -12.75 14.18
CA ALA A 103 -21.15 -13.92 13.73
C ALA A 103 -19.69 -13.88 14.18
N TYR A 104 -19.06 -12.71 14.07
CA TYR A 104 -17.67 -12.59 14.49
C TYR A 104 -17.52 -12.88 15.98
N LEU A 105 -18.41 -12.31 16.81
CA LEU A 105 -18.30 -12.54 18.24
C LEU A 105 -18.54 -13.99 18.61
N VAL A 106 -19.49 -14.65 17.92
CA VAL A 106 -19.73 -16.06 18.20
C VAL A 106 -18.50 -16.90 17.87
N GLY A 107 -17.87 -16.64 16.73
CA GLY A 107 -16.64 -17.37 16.40
C GLY A 107 -15.52 -17.12 17.41
N LEU A 108 -15.36 -15.85 17.81
CA LEU A 108 -14.33 -15.54 18.80
C LEU A 108 -14.58 -16.26 20.11
N PHE A 109 -15.85 -16.33 20.54
CA PHE A 109 -16.15 -17.03 21.79
C PHE A 109 -15.93 -18.53 21.65
N GLU A 110 -16.19 -19.10 20.47
CA GLU A 110 -15.86 -20.52 20.25
C GLU A 110 -14.37 -20.76 20.47
N ASP A 111 -13.52 -19.94 19.84
CA ASP A 111 -12.09 -20.12 20.00
C ASP A 111 -11.63 -19.86 21.43
N THR A 112 -12.27 -18.90 22.10
CA THR A 112 -11.91 -18.60 23.49
C THR A 112 -12.23 -19.78 24.40
N ASN A 113 -13.40 -20.41 24.20
CA ASN A 113 -13.70 -21.61 24.96
C ASN A 113 -12.71 -22.72 24.66
N LEU A 114 -12.30 -22.87 23.40
CA LEU A 114 -11.33 -23.90 23.09
C LEU A 114 -10.03 -23.68 23.86
N CYS A 115 -9.56 -22.43 23.91
CA CYS A 115 -8.37 -22.12 24.69
C CYS A 115 -8.57 -22.40 26.17
N ALA A 116 -9.73 -22.00 26.72
CA ALA A 116 -9.97 -22.19 28.15
C ALA A 116 -9.99 -23.67 28.51
N ILE A 117 -10.63 -24.50 27.68
CA ILE A 117 -10.63 -25.94 27.93
C ILE A 117 -9.21 -26.51 27.79
N HIS A 118 -8.43 -25.97 26.85
CA HIS A 118 -7.05 -26.44 26.72
C HIS A 118 -6.24 -26.13 27.98
N ALA A 119 -6.51 -25.00 28.63
CA ALA A 119 -5.78 -24.63 29.84
C ALA A 119 -6.28 -25.35 31.09
N LYS A 120 -7.14 -26.36 30.93
CA LYS A 120 -7.73 -27.10 32.05
C LYS A 120 -8.50 -26.18 32.98
N ARG A 121 -9.50 -25.51 32.41
CA ARG A 121 -10.43 -24.67 33.16
C ARG A 121 -11.79 -24.76 32.51
N VAL A 122 -12.77 -24.06 33.08
CA VAL A 122 -14.11 -24.00 32.52
C VAL A 122 -14.56 -22.55 32.44
N THR A 123 -13.79 -21.65 33.06
CA THR A 123 -14.12 -20.24 33.10
C THR A 123 -13.23 -19.49 32.11
N ILE A 124 -13.85 -18.88 31.10
CA ILE A 124 -13.08 -18.10 30.14
C ILE A 124 -12.65 -16.78 30.78
N MET A 125 -11.42 -16.36 30.50
CA MET A 125 -10.83 -15.19 31.10
C MET A 125 -10.21 -14.33 30.00
N PRO A 126 -10.01 -13.03 30.26
CA PRO A 126 -9.51 -12.15 29.19
C PRO A 126 -8.21 -12.61 28.55
N LYS A 127 -7.33 -13.25 29.31
CA LYS A 127 -6.10 -13.77 28.71
C LYS A 127 -6.39 -14.79 27.62
N ASP A 128 -7.47 -15.55 27.76
CA ASP A 128 -7.84 -16.51 26.72
C ASP A 128 -8.28 -15.80 25.45
N ILE A 129 -9.08 -14.74 25.58
CA ILE A 129 -9.48 -13.96 24.41
C ILE A 129 -8.24 -13.35 23.74
N GLN A 130 -7.33 -12.82 24.54
CA GLN A 130 -6.12 -12.22 23.97
C GLN A 130 -5.29 -13.26 23.23
N LEU A 131 -5.14 -14.45 23.81
CA LEU A 131 -4.39 -15.51 23.13
C LEU A 131 -5.07 -15.94 21.84
N ALA A 132 -6.39 -16.09 21.85
CA ALA A 132 -7.10 -16.49 20.64
C ALA A 132 -6.93 -15.45 19.54
N ARG A 133 -7.09 -14.17 19.89
CA ARG A 133 -6.90 -13.12 18.89
C ARG A 133 -5.48 -13.10 18.37
N ARG A 134 -4.49 -13.29 19.25
CA ARG A 134 -3.10 -13.24 18.81
C ARG A 134 -2.78 -14.40 17.88
N ILE A 135 -3.27 -15.60 18.18
CA ILE A 135 -3.05 -16.74 17.29
C ILE A 135 -3.74 -16.51 15.96
N ARG A 136 -4.97 -16.00 15.98
CA ARG A 136 -5.70 -15.79 14.74
C ARG A 136 -5.05 -14.75 13.84
N GLY A 137 -4.18 -13.91 14.39
CA GLY A 137 -3.53 -12.87 13.62
C GLY A 137 -4.30 -11.58 13.52
N GLU A 138 -5.31 -11.38 14.37
CA GLU A 138 -6.12 -10.16 14.30
C GLU A 138 -5.40 -8.96 14.89
N ARG A 139 -4.52 -9.17 15.87
CA ARG A 139 -3.80 -8.07 16.49
C ARG A 139 -2.30 -8.27 16.59
N ALA A 140 -1.80 -9.51 16.55
CA ALA A 140 -0.37 -9.80 16.62
C ALA A 140 0.30 -9.15 17.83
N LYS B 25 -26.65 17.14 18.47
CA LYS B 25 -27.24 15.82 18.32
C LYS B 25 -26.19 14.72 18.41
N VAL B 26 -25.08 15.03 19.08
CA VAL B 26 -23.98 14.08 19.24
C VAL B 26 -24.37 13.04 20.27
N LEU B 27 -23.61 11.95 20.35
CA LEU B 27 -23.91 10.85 21.25
C LEU B 27 -22.66 10.48 22.03
N ARG B 28 -22.87 9.93 23.23
CA ARG B 28 -21.77 9.57 24.11
C ARG B 28 -22.08 8.24 24.80
N ASP B 29 -21.00 7.57 25.24
CA ASP B 29 -21.04 6.33 26.02
C ASP B 29 -22.07 5.33 25.55
N ASN B 30 -22.22 5.18 24.23
CA ASN B 30 -23.17 4.21 23.70
C ASN B 30 -22.64 2.79 23.73
N ILE B 31 -21.34 2.59 23.94
CA ILE B 31 -20.81 1.24 24.03
C ILE B 31 -21.34 0.52 25.26
N GLN B 32 -21.77 1.24 26.28
CA GLN B 32 -22.42 0.62 27.43
C GLN B 32 -23.80 0.10 27.10
N GLY B 33 -24.33 0.43 25.92
CA GLY B 33 -25.59 -0.13 25.48
C GLY B 33 -25.53 -1.61 25.17
N ILE B 34 -24.33 -2.15 25.00
CA ILE B 34 -24.15 -3.59 24.83
C ILE B 34 -24.14 -4.19 26.22
N THR B 35 -25.33 -4.49 26.74
CA THR B 35 -25.47 -4.82 28.14
C THR B 35 -24.91 -6.20 28.45
N LYS B 36 -24.59 -6.41 29.73
CA LYS B 36 -23.99 -7.67 30.15
C LYS B 36 -24.83 -8.90 29.80
N PRO B 37 -26.15 -8.91 29.98
CA PRO B 37 -26.93 -10.08 29.52
C PRO B 37 -26.78 -10.36 28.03
N ALA B 38 -26.61 -9.33 27.19
CA ALA B 38 -26.43 -9.59 25.77
C ALA B 38 -25.14 -10.35 25.49
N ILE B 39 -24.05 -9.94 26.14
CA ILE B 39 -22.79 -10.67 25.99
C ILE B 39 -22.93 -12.07 26.55
N ARG B 40 -23.67 -12.22 27.65
CA ARG B 40 -23.91 -13.54 28.22
C ARG B 40 -24.62 -14.44 27.23
N ARG B 41 -25.66 -13.92 26.57
CA ARG B 41 -26.40 -14.72 25.59
C ARG B 41 -25.53 -15.07 24.39
N LEU B 42 -24.71 -14.12 23.93
CA LEU B 42 -23.81 -14.40 22.82
C LEU B 42 -22.83 -15.51 23.19
N ALA B 43 -22.26 -15.45 24.39
CA ALA B 43 -21.35 -16.49 24.83
C ALA B 43 -22.06 -17.83 24.93
N ARG B 44 -23.28 -17.84 25.48
CA ARG B 44 -24.02 -19.08 25.62
C ARG B 44 -24.32 -19.70 24.26
N ARG B 45 -24.61 -18.86 23.26
CA ARG B 45 -24.72 -19.38 21.90
C ARG B 45 -23.39 -19.94 21.42
N GLY B 46 -22.29 -19.26 21.77
CA GLY B 46 -20.97 -19.75 21.38
C GLY B 46 -20.64 -21.10 21.98
N GLY B 47 -21.14 -21.37 23.18
CA GLY B 47 -20.90 -22.65 23.82
C GLY B 47 -20.13 -22.53 25.12
N VAL B 48 -20.30 -21.42 25.82
CA VAL B 48 -19.54 -21.12 27.03
C VAL B 48 -20.39 -21.44 28.25
N LYS B 49 -19.79 -22.13 29.22
CA LYS B 49 -20.49 -22.55 30.44
C LYS B 49 -20.27 -21.59 31.61
N ARG B 50 -19.05 -21.12 31.82
CA ARG B 50 -18.74 -20.24 32.95
C ARG B 50 -18.01 -19.01 32.43
N ILE B 51 -18.47 -17.83 32.80
CA ILE B 51 -17.94 -16.57 32.31
C ILE B 51 -17.34 -15.80 33.48
N SER B 52 -16.10 -15.35 33.32
CA SER B 52 -15.48 -14.52 34.35
C SER B 52 -16.08 -13.12 34.34
N GLY B 53 -15.72 -12.35 35.37
CA GLY B 53 -16.29 -11.01 35.51
C GLY B 53 -15.62 -9.93 34.69
N LEU B 54 -14.45 -10.20 34.12
CA LEU B 54 -13.70 -9.22 33.36
C LEU B 54 -13.83 -9.42 31.85
N ILE B 55 -14.64 -10.37 31.42
CA ILE B 55 -14.79 -10.63 29.99
C ILE B 55 -15.48 -9.46 29.29
N TYR B 56 -16.43 -8.81 29.97
CA TYR B 56 -17.32 -7.87 29.30
C TYR B 56 -16.57 -6.67 28.74
N GLU B 57 -15.63 -6.11 29.51
CA GLU B 57 -14.90 -4.94 29.03
C GLU B 57 -14.04 -5.29 27.81
N GLU B 58 -13.36 -6.45 27.87
CA GLU B 58 -12.56 -6.87 26.73
C GLU B 58 -13.41 -7.09 25.49
N THR B 59 -14.58 -7.71 25.67
CA THR B 59 -15.48 -7.94 24.55
C THR B 59 -15.98 -6.62 23.96
N ARG B 60 -16.30 -5.65 24.82
CA ARG B 60 -16.72 -4.35 24.31
C ARG B 60 -15.62 -3.69 23.51
N GLY B 61 -14.38 -3.75 24.00
CA GLY B 61 -13.27 -3.19 23.23
C GLY B 61 -13.09 -3.87 21.90
N VAL B 62 -13.17 -5.19 21.87
CA VAL B 62 -12.99 -5.94 20.63
C VAL B 62 -14.09 -5.56 19.64
N LEU B 63 -15.33 -5.50 20.10
CA LEU B 63 -16.45 -5.15 19.23
C LEU B 63 -16.29 -3.74 18.69
N LYS B 64 -15.84 -2.80 19.52
CA LYS B 64 -15.63 -1.44 19.05
C LYS B 64 -14.56 -1.38 17.98
N VAL B 65 -13.47 -2.13 18.16
CA VAL B 65 -12.41 -2.14 17.15
C VAL B 65 -12.93 -2.71 15.83
N PHE B 66 -13.68 -3.81 15.89
CA PHE B 66 -14.20 -4.40 14.66
C PHE B 66 -15.17 -3.46 13.95
N LEU B 67 -16.04 -2.81 14.71
CA LEU B 67 -16.97 -1.84 14.13
C LEU B 67 -16.22 -0.70 13.47
N GLU B 68 -15.18 -0.18 14.12
CA GLU B 68 -14.40 0.89 13.51
C GLU B 68 -13.81 0.44 12.19
N ASN B 69 -13.22 -0.76 12.17
CA ASN B 69 -12.59 -1.26 10.96
C ASN B 69 -13.59 -1.38 9.82
N VAL B 70 -14.77 -1.93 10.09
CA VAL B 70 -15.75 -2.11 9.01
C VAL B 70 -16.32 -0.77 8.56
N ILE B 71 -16.67 0.10 9.52
CA ILE B 71 -17.34 1.35 9.20
C ILE B 71 -16.42 2.27 8.41
N ARG B 72 -15.12 2.27 8.71
CA ARG B 72 -14.19 3.11 7.97
C ARG B 72 -14.26 2.79 6.48
N ASP B 73 -14.14 1.52 6.13
CA ASP B 73 -14.17 1.13 4.72
C ASP B 73 -15.54 1.36 4.10
N ALA B 74 -16.62 1.12 4.85
CA ALA B 74 -17.94 1.36 4.30
C ALA B 74 -18.15 2.84 3.97
N VAL B 75 -17.72 3.71 4.88
CA VAL B 75 -17.86 5.15 4.65
C VAL B 75 -16.97 5.60 3.49
N THR B 76 -15.79 5.01 3.36
CA THR B 76 -14.95 5.34 2.20
C THR B 76 -15.64 4.93 0.90
N TYR B 77 -16.24 3.73 0.88
CA TYR B 77 -16.94 3.28 -0.32
C TYR B 77 -18.08 4.21 -0.67
N THR B 78 -18.87 4.63 0.32
CA THR B 78 -19.99 5.52 0.02
C THR B 78 -19.52 6.94 -0.29
N GLU B 79 -18.34 7.33 0.17
CA GLU B 79 -17.82 8.65 -0.16
C GLU B 79 -17.26 8.74 -1.57
N HIS B 80 -16.68 7.65 -2.07
CA HIS B 80 -16.15 7.69 -3.43
C HIS B 80 -17.26 7.92 -4.44
N ALA B 81 -18.42 7.31 -4.23
CA ALA B 81 -19.53 7.42 -5.16
C ALA B 81 -20.32 8.72 -5.02
N LYS B 82 -19.80 9.69 -4.25
CA LYS B 82 -20.40 11.01 -4.11
C LYS B 82 -21.83 10.92 -3.59
N ARG B 83 -22.07 9.99 -2.67
CA ARG B 83 -23.38 9.81 -2.06
C ARG B 83 -23.35 10.33 -0.63
N LYS B 84 -24.51 10.25 0.03
CA LYS B 84 -24.64 10.72 1.40
C LYS B 84 -25.22 9.70 2.36
N THR B 85 -25.81 8.61 1.87
CA THR B 85 -26.38 7.57 2.73
C THR B 85 -25.65 6.25 2.46
N VAL B 86 -24.98 5.73 3.49
CA VAL B 86 -24.35 4.43 3.38
C VAL B 86 -25.42 3.36 3.20
N THR B 87 -25.18 2.44 2.26
CA THR B 87 -26.17 1.44 1.89
C THR B 87 -25.64 0.05 2.18
N ALA B 88 -26.51 -0.94 2.00
CA ALA B 88 -26.16 -2.33 2.31
C ALA B 88 -25.05 -2.84 1.41
N MET B 89 -25.05 -2.42 0.14
CA MET B 89 -23.99 -2.85 -0.77
C MET B 89 -22.62 -2.39 -0.29
N ASP B 90 -22.55 -1.16 0.24
CA ASP B 90 -21.28 -0.66 0.75
C ASP B 90 -20.79 -1.51 1.92
N VAL B 91 -21.69 -1.85 2.84
CA VAL B 91 -21.29 -2.64 4.00
C VAL B 91 -20.82 -4.02 3.58
N VAL B 92 -21.57 -4.67 2.67
CA VAL B 92 -21.17 -6.01 2.24
C VAL B 92 -19.86 -5.96 1.46
N TYR B 93 -19.62 -4.89 0.70
CA TYR B 93 -18.37 -4.80 -0.02
C TYR B 93 -17.19 -4.60 0.93
N ALA B 94 -17.38 -3.79 1.98
CA ALA B 94 -16.33 -3.66 2.98
C ALA B 94 -16.05 -4.98 3.68
N LEU B 95 -17.11 -5.71 4.02
CA LEU B 95 -16.93 -7.01 4.67
C LEU B 95 -16.20 -7.98 3.76
N LYS B 96 -16.55 -8.00 2.47
CA LYS B 96 -15.86 -8.87 1.53
C LYS B 96 -14.39 -8.47 1.39
N ARG B 97 -14.11 -7.16 1.43
CA ARG B 97 -12.73 -6.71 1.36
C ARG B 97 -11.93 -7.19 2.56
N GLN B 98 -12.52 -7.13 3.75
CA GLN B 98 -11.80 -7.61 4.93
C GLN B 98 -11.66 -9.12 4.97
N GLY B 99 -12.35 -9.85 4.09
CA GLY B 99 -12.26 -11.29 4.06
C GLY B 99 -13.40 -12.04 4.70
N ARG B 100 -14.46 -11.35 5.12
CA ARG B 100 -15.64 -11.97 5.71
C ARG B 100 -16.82 -11.76 4.77
N THR B 101 -17.00 -12.69 3.83
CA THR B 101 -18.09 -12.59 2.88
C THR B 101 -19.43 -12.72 3.61
N LEU B 102 -20.42 -11.93 3.18
CA LEU B 102 -21.74 -11.96 3.77
C LEU B 102 -22.78 -12.25 2.69
N TYR B 103 -23.66 -13.20 2.96
CA TYR B 103 -24.73 -13.58 2.05
C TYR B 103 -26.07 -13.13 2.59
N GLY B 104 -27.01 -12.89 1.68
CA GLY B 104 -28.35 -12.52 2.05
C GLY B 104 -28.65 -11.04 2.05
N PHE B 105 -27.80 -10.21 1.45
CA PHE B 105 -28.07 -8.78 1.37
C PHE B 105 -27.75 -8.21 -0.01
N GLY B 106 -27.65 -9.05 -1.03
CA GLY B 106 -27.37 -8.57 -2.37
C GLY B 106 -25.90 -8.60 -2.70
N GLY B 107 -25.61 -8.78 -3.99
CA GLY B 107 -24.24 -8.84 -4.46
C GLY B 107 -23.57 -10.17 -4.19
N SER C 1 2.52 22.21 -16.29
CA SER C 1 3.95 22.29 -16.51
C SER C 1 4.21 22.41 -18.00
N ALA C 2 5.43 22.80 -18.34
CA ALA C 2 5.82 22.97 -19.72
C ALA C 2 5.98 21.62 -20.42
N LYS C 3 5.70 21.59 -21.72
CA LYS C 3 5.88 20.41 -22.53
C LYS C 3 7.35 20.31 -22.99
N ALA C 4 7.60 19.46 -23.98
CA ALA C 4 8.92 19.26 -24.57
C ALA C 4 9.92 18.62 -23.61
N CYS C 5 9.42 17.93 -22.59
CA CYS C 5 10.26 17.15 -21.70
C CYS C 5 9.59 15.80 -21.48
N THR C 6 10.40 14.80 -21.13
CA THR C 6 9.89 13.45 -20.99
C THR C 6 8.86 13.38 -19.86
N ARG C 7 7.91 12.46 -20.00
CA ARG C 7 6.78 12.40 -19.08
C ARG C 7 7.24 12.15 -17.65
N SER C 8 8.19 11.25 -17.46
CA SER C 8 8.68 10.95 -16.11
C SER C 8 9.28 12.17 -15.44
N SER C 9 9.81 13.13 -16.20
CA SER C 9 10.37 14.35 -15.63
C SER C 9 9.37 15.49 -15.56
N ARG C 10 8.21 15.36 -16.20
CA ARG C 10 7.22 16.43 -16.14
C ARG C 10 6.74 16.66 -14.71
N ALA C 11 6.48 15.58 -13.98
CA ALA C 11 6.10 15.67 -12.58
C ALA C 11 7.25 15.32 -11.64
N GLY C 12 8.46 15.17 -12.17
CA GLY C 12 9.62 14.98 -11.33
C GLY C 12 9.68 13.67 -10.57
N LEU C 13 9.21 12.58 -11.17
CA LEU C 13 9.32 11.27 -10.56
C LEU C 13 10.60 10.58 -11.02
N GLN C 14 10.75 9.31 -10.65
CA GLN C 14 11.78 8.44 -11.19
C GLN C 14 11.22 7.17 -11.80
N PHE C 15 10.08 6.69 -11.33
CA PHE C 15 9.44 5.53 -11.94
C PHE C 15 8.85 5.91 -13.30
N PRO C 16 8.70 4.95 -14.21
CA PRO C 16 8.28 5.28 -15.57
C PRO C 16 6.78 5.50 -15.64
N VAL C 17 6.37 6.69 -16.09
CA VAL C 17 4.95 6.95 -16.29
C VAL C 17 4.44 6.18 -17.50
N GLY C 18 5.21 6.14 -18.58
CA GLY C 18 4.75 5.46 -19.78
C GLY C 18 4.57 3.98 -19.60
N ARG C 19 5.51 3.33 -18.92
CA ARG C 19 5.41 1.89 -18.69
C ARG C 19 4.21 1.57 -17.80
N VAL C 20 3.98 2.38 -16.76
CA VAL C 20 2.82 2.17 -15.90
C VAL C 20 1.53 2.36 -16.69
N HIS C 21 1.50 3.36 -17.57
CA HIS C 21 0.32 3.58 -18.40
C HIS C 21 0.06 2.39 -19.31
N ARG C 22 1.11 1.87 -19.94
CA ARG C 22 0.95 0.71 -20.81
C ARG C 22 0.46 -0.50 -20.02
N LEU C 23 1.00 -0.70 -18.82
CA LEU C 23 0.58 -1.84 -18.01
C LEU C 23 -0.88 -1.71 -17.58
N LEU C 24 -1.32 -0.50 -17.24
CA LEU C 24 -2.72 -0.31 -16.89
C LEU C 24 -3.63 -0.53 -18.09
N ARG C 25 -3.21 -0.07 -19.28
CA ARG C 25 -4.09 -0.17 -20.44
C ARG C 25 -4.25 -1.61 -20.90
N LYS C 26 -3.15 -2.35 -21.00
CA LYS C 26 -3.16 -3.69 -21.57
C LYS C 26 -3.17 -4.78 -20.50
N GLY C 27 -3.69 -4.48 -19.32
CA GLY C 27 -3.74 -5.44 -18.23
C GLY C 27 -5.09 -6.00 -17.89
N ASN C 28 -6.12 -5.76 -18.73
CA ASN C 28 -7.47 -6.24 -18.48
C ASN C 28 -8.01 -5.73 -17.15
N TYR C 29 -7.96 -4.42 -16.96
CA TYR C 29 -8.51 -3.77 -15.78
C TYR C 29 -9.76 -2.96 -16.07
N SER C 30 -9.77 -2.19 -17.16
CA SER C 30 -10.95 -1.46 -17.57
C SER C 30 -10.84 -1.13 -19.05
N GLU C 31 -11.99 -0.79 -19.65
CA GLU C 31 -12.01 -0.45 -21.07
C GLU C 31 -11.20 0.81 -21.34
N ARG C 32 -11.34 1.82 -20.49
CA ARG C 32 -10.67 3.10 -20.67
C ARG C 32 -9.82 3.41 -19.44
N VAL C 33 -8.68 4.06 -19.69
CA VAL C 33 -7.77 4.48 -18.63
C VAL C 33 -7.57 5.98 -18.74
N GLY C 34 -7.77 6.69 -17.63
CA GLY C 34 -7.60 8.12 -17.62
C GLY C 34 -6.15 8.51 -17.81
N ALA C 35 -5.95 9.79 -18.14
CA ALA C 35 -4.61 10.29 -18.39
C ALA C 35 -3.88 10.70 -17.11
N GLY C 36 -4.57 10.79 -15.99
CA GLY C 36 -3.94 11.16 -14.75
C GLY C 36 -3.68 9.99 -13.82
N ALA C 37 -4.26 8.84 -14.14
CA ALA C 37 -4.07 7.66 -13.29
C ALA C 37 -2.63 7.17 -13.24
N PRO C 38 -1.93 6.96 -14.37
CA PRO C 38 -0.57 6.40 -14.27
C PRO C 38 0.39 7.27 -13.49
N VAL C 39 0.27 8.60 -13.60
CA VAL C 39 1.15 9.48 -12.82
C VAL C 39 0.94 9.26 -11.34
N TYR C 40 -0.32 9.21 -10.91
CA TYR C 40 -0.63 9.06 -9.50
C TYR C 40 -0.16 7.69 -8.98
N LEU C 41 -0.37 6.64 -9.79
CA LEU C 41 0.08 5.31 -9.41
C LEU C 41 1.59 5.24 -9.29
N ALA C 42 2.31 5.84 -10.24
CA ALA C 42 3.76 5.85 -10.18
C ALA C 42 4.25 6.61 -8.96
N ALA C 43 3.57 7.71 -8.62
CA ALA C 43 3.94 8.46 -7.43
C ALA C 43 3.81 7.59 -6.18
N VAL C 44 2.69 6.88 -6.06
CA VAL C 44 2.50 6.03 -4.88
C VAL C 44 3.56 4.93 -4.83
N LEU C 45 3.83 4.29 -5.98
CA LEU C 45 4.81 3.21 -6.02
C LEU C 45 6.19 3.71 -5.63
N GLU C 46 6.61 4.84 -6.18
CA GLU C 46 7.92 5.39 -5.87
C GLU C 46 8.02 5.77 -4.40
N TYR C 47 6.95 6.36 -3.85
CA TYR C 47 6.98 6.73 -2.43
C TYR C 47 7.16 5.49 -1.56
N LEU C 48 6.42 4.42 -1.85
CA LEU C 48 6.56 3.20 -1.05
C LEU C 48 7.96 2.61 -1.18
N THR C 49 8.51 2.60 -2.41
CA THR C 49 9.85 2.06 -2.60
C THR C 49 10.88 2.86 -1.80
N ALA C 50 10.79 4.19 -1.84
CA ALA C 50 11.72 5.01 -1.09
C ALA C 50 11.56 4.78 0.41
N GLU C 51 10.32 4.63 0.88
CA GLU C 51 10.09 4.38 2.29
C GLU C 51 10.74 3.08 2.74
N ILE C 52 10.63 2.04 1.92
CA ILE C 52 11.30 0.77 2.25
C ILE C 52 12.82 0.95 2.25
N LEU C 53 13.33 1.63 1.22
CA LEU C 53 14.78 1.70 1.03
C LEU C 53 15.45 2.51 2.14
N GLU C 54 14.79 3.55 2.64
CA GLU C 54 15.39 4.34 3.72
C GLU C 54 15.67 3.49 4.95
N LEU C 55 14.67 2.74 5.42
CA LEU C 55 14.85 1.89 6.59
C LEU C 55 15.82 0.75 6.29
N ALA C 56 15.79 0.21 5.08
CA ALA C 56 16.74 -0.84 4.74
C ALA C 56 18.18 -0.33 4.83
N GLY C 57 18.43 0.87 4.30
CA GLY C 57 19.76 1.44 4.38
C GLY C 57 20.17 1.76 5.81
N ASN C 58 19.22 2.22 6.63
CA ASN C 58 19.53 2.46 8.03
C ASN C 58 19.95 1.17 8.73
N ALA C 59 19.23 0.08 8.48
CA ALA C 59 19.61 -1.20 9.07
C ALA C 59 20.97 -1.67 8.57
N ALA C 60 21.23 -1.48 7.27
CA ALA C 60 22.52 -1.90 6.73
C ALA C 60 23.66 -1.11 7.36
N ARG C 61 23.48 0.19 7.56
CA ARG C 61 24.49 0.98 8.25
C ARG C 61 24.66 0.51 9.69
N ASP C 62 23.56 0.14 10.34
CA ASP C 62 23.64 -0.37 11.71
C ASP C 62 24.48 -1.64 11.76
N ASN C 63 24.34 -2.52 10.77
CA ASN C 63 25.07 -3.77 10.74
C ASN C 63 26.49 -3.62 10.20
N LYS C 64 27.01 -2.40 10.14
CA LYS C 64 28.37 -2.13 9.67
C LYS C 64 28.61 -2.70 8.27
N LYS C 65 27.63 -2.52 7.39
CA LYS C 65 27.74 -2.97 6.01
C LYS C 65 27.31 -1.84 5.08
N THR C 66 27.66 -1.98 3.80
CA THR C 66 27.32 -0.98 2.79
C THR C 66 26.58 -1.57 1.61
N ARG C 67 26.21 -2.84 1.66
CA ARG C 67 25.47 -3.49 0.58
C ARG C 67 24.22 -4.12 1.16
N ILE C 68 23.06 -3.65 0.72
CA ILE C 68 21.79 -4.07 1.30
C ILE C 68 21.52 -5.53 0.94
N ILE C 69 21.15 -6.31 1.95
CA ILE C 69 20.89 -7.74 1.79
C ILE C 69 19.50 -8.03 2.31
N PRO C 70 18.90 -9.15 1.90
CA PRO C 70 17.50 -9.43 2.30
C PRO C 70 17.25 -9.39 3.79
N ARG C 71 18.26 -9.72 4.62
CA ARG C 71 18.08 -9.63 6.06
C ARG C 71 17.76 -8.20 6.48
N HIS C 72 18.42 -7.22 5.86
CA HIS C 72 18.12 -5.82 6.16
C HIS C 72 16.69 -5.48 5.76
N LEU C 73 16.22 -6.01 4.63
CA LEU C 73 14.84 -5.77 4.22
C LEU C 73 13.86 -6.34 5.24
N GLN C 74 14.12 -7.56 5.71
CA GLN C 74 13.23 -8.16 6.70
C GLN C 74 13.24 -7.35 8.00
N LEU C 75 14.41 -6.92 8.45
CA LEU C 75 14.49 -6.12 9.67
C LEU C 75 13.71 -4.81 9.51
N ALA C 76 13.91 -4.13 8.38
CA ALA C 76 13.24 -2.86 8.16
C ALA C 76 11.73 -3.03 8.10
N ILE C 77 11.25 -4.08 7.43
CA ILE C 77 9.81 -4.27 7.30
C ILE C 77 9.20 -4.67 8.63
N ARG C 78 9.83 -5.59 9.36
CA ARG C 78 9.22 -6.09 10.59
C ARG C 78 9.32 -5.07 11.73
N ASN C 79 10.34 -4.21 11.72
CA ASN C 79 10.49 -3.26 12.80
C ASN C 79 9.56 -2.06 12.70
N ASP C 80 8.88 -1.88 11.58
CA ASP C 80 7.96 -0.77 11.39
C ASP C 80 6.53 -1.25 11.62
N GLU C 81 5.81 -0.58 12.52
CA GLU C 81 4.49 -1.06 12.92
C GLU C 81 3.47 -0.99 11.80
N GLU C 82 3.66 -0.12 10.81
CA GLU C 82 2.68 0.02 9.73
C GLU C 82 3.06 -0.75 8.48
N LEU C 83 4.36 -0.88 8.18
CA LEU C 83 4.76 -1.72 7.05
C LEU C 83 4.53 -3.19 7.35
N ASN C 84 4.69 -3.59 8.61
CA ASN C 84 4.42 -4.97 9.00
C ASN C 84 2.95 -5.31 8.76
N LYS C 85 2.05 -4.38 9.08
CA LYS C 85 0.63 -4.61 8.83
C LYS C 85 0.35 -4.73 7.34
N LEU C 86 1.01 -3.92 6.52
CA LEU C 86 0.79 -3.98 5.07
C LEU C 86 1.29 -5.29 4.49
N LEU C 87 2.53 -5.66 4.81
CA LEU C 87 3.10 -6.93 4.36
C LEU C 87 2.94 -8.03 5.42
N GLY C 88 1.70 -8.19 5.90
CA GLY C 88 1.46 -9.16 6.95
C GLY C 88 1.61 -10.60 6.50
N ARG C 89 1.13 -10.92 5.31
CA ARG C 89 1.03 -12.29 4.83
C ARG C 89 2.02 -12.58 3.70
N VAL C 90 3.24 -12.08 3.83
CA VAL C 90 4.27 -12.29 2.82
C VAL C 90 5.50 -12.91 3.49
N THR C 91 6.23 -13.71 2.72
CA THR C 91 7.46 -14.34 3.20
C THR C 91 8.62 -13.86 2.34
N ILE C 92 9.61 -13.26 2.98
CA ILE C 92 10.80 -12.76 2.29
C ILE C 92 11.88 -13.84 2.43
N ALA C 93 12.27 -14.43 1.31
CA ALA C 93 13.23 -15.52 1.35
C ALA C 93 14.58 -15.04 1.86
N GLN C 94 15.27 -15.93 2.58
CA GLN C 94 16.58 -15.62 3.17
C GLN C 94 16.49 -14.42 4.10
N GLY C 95 15.44 -14.36 4.90
CA GLY C 95 15.21 -13.21 5.75
C GLY C 95 15.38 -13.46 7.23
N GLY C 96 15.04 -14.65 7.69
CA GLY C 96 15.07 -14.92 9.11
C GLY C 96 13.91 -14.27 9.83
N VAL C 97 14.01 -14.22 11.16
CA VAL C 97 12.95 -13.69 12.01
C VAL C 97 13.55 -12.70 12.99
N LEU C 98 12.69 -11.87 13.57
CA LEU C 98 13.12 -10.93 14.60
C LEU C 98 13.59 -11.70 15.84
N PRO C 99 14.57 -11.16 16.56
CA PRO C 99 15.05 -11.83 17.77
C PRO C 99 14.13 -11.53 18.95
N ASN C 100 13.47 -12.55 19.48
CA ASN C 100 12.67 -12.40 20.68
C ASN C 100 12.72 -13.69 21.50
N ILE C 101 12.62 -13.53 22.82
CA ILE C 101 12.60 -14.64 23.75
C ILE C 101 11.58 -14.33 24.84
N GLN C 102 10.64 -15.24 25.07
CA GLN C 102 9.61 -14.99 26.05
C GLN C 102 10.21 -14.82 27.43
N ALA C 103 9.68 -13.86 28.19
CA ALA C 103 10.25 -13.54 29.49
C ALA C 103 10.16 -14.70 30.47
N VAL C 104 9.23 -15.64 30.25
CA VAL C 104 9.11 -16.77 31.15
C VAL C 104 10.32 -17.70 31.01
N LEU C 105 10.80 -17.90 29.78
CA LEU C 105 11.88 -18.85 29.54
C LEU C 105 13.24 -18.35 30.04
N LEU C 106 13.37 -17.07 30.37
CA LEU C 106 14.65 -16.55 30.82
C LEU C 106 15.03 -17.16 32.17
N PRO C 107 16.33 -17.32 32.42
CA PRO C 107 16.76 -17.89 33.71
C PRO C 107 16.48 -16.94 34.87
N LYS C 108 16.39 -17.52 36.06
CA LYS C 108 16.12 -16.76 37.27
C LYS C 108 17.20 -15.71 37.52
N LYS D 35 20.39 -13.89 -29.34
CA LYS D 35 20.25 -13.48 -27.94
C LYS D 35 18.86 -13.76 -27.41
N ARG D 36 18.67 -13.55 -26.11
CA ARG D 36 17.39 -13.81 -25.48
C ARG D 36 16.41 -12.67 -25.80
N SER D 37 15.18 -12.81 -25.29
CA SER D 37 14.18 -11.76 -25.42
C SER D 37 14.38 -10.69 -24.36
N ARG D 38 13.80 -9.52 -24.61
CA ARG D 38 13.93 -8.39 -23.72
C ARG D 38 12.93 -8.50 -22.58
N LYS D 39 13.40 -8.87 -21.40
CA LYS D 39 12.57 -9.00 -20.22
C LYS D 39 12.72 -7.75 -19.36
N GLU D 40 11.60 -7.20 -18.92
CA GLU D 40 11.57 -5.91 -18.25
C GLU D 40 11.53 -6.07 -16.73
N SER D 41 11.90 -5.01 -16.03
CA SER D 41 11.93 -4.98 -14.58
C SER D 41 12.08 -3.53 -14.14
N TYR D 42 12.06 -3.32 -12.83
CA TYR D 42 12.22 -2.00 -12.23
C TYR D 42 13.59 -1.81 -11.60
N SER D 43 14.62 -2.46 -12.14
CA SER D 43 15.93 -2.44 -11.50
C SER D 43 16.55 -1.05 -11.52
N ILE D 44 16.60 -0.41 -12.70
CA ILE D 44 17.24 0.88 -12.79
C ILE D 44 16.47 1.94 -12.01
N TYR D 45 15.14 1.85 -11.98
CA TYR D 45 14.35 2.82 -11.26
C TYR D 45 14.54 2.70 -9.76
N VAL D 46 14.56 1.47 -9.25
CA VAL D 46 14.83 1.24 -7.83
C VAL D 46 16.22 1.73 -7.48
N TYR D 47 17.21 1.48 -8.35
CA TYR D 47 18.56 1.94 -8.10
C TYR D 47 18.62 3.47 -8.05
N LYS D 48 17.93 4.13 -8.99
CA LYS D 48 17.91 5.59 -9.00
C LYS D 48 17.26 6.15 -7.74
N VAL D 49 16.17 5.52 -7.28
CA VAL D 49 15.54 5.97 -6.05
C VAL D 49 16.48 5.77 -4.87
N LEU D 50 17.18 4.63 -4.84
CA LEU D 50 18.11 4.36 -3.75
C LEU D 50 19.23 5.38 -3.72
N LYS D 51 19.70 5.81 -4.89
CA LYS D 51 20.78 6.78 -4.96
C LYS D 51 20.34 8.19 -4.58
N GLN D 52 19.15 8.37 -4.03
CA GLN D 52 18.72 9.65 -3.47
C GLN D 52 18.69 9.64 -1.95
N VAL D 53 18.09 8.63 -1.34
CA VAL D 53 18.03 8.57 0.12
C VAL D 53 19.41 8.29 0.69
N HIS D 54 20.13 7.32 0.13
CA HIS D 54 21.48 6.98 0.56
C HIS D 54 22.44 7.09 -0.62
N PRO D 55 23.22 8.17 -0.70
CA PRO D 55 24.10 8.35 -1.86
C PRO D 55 25.21 7.31 -1.97
N ASP D 56 25.55 6.61 -0.89
CA ASP D 56 26.72 5.75 -0.87
C ASP D 56 26.37 4.39 -0.27
N THR D 57 25.31 3.76 -0.78
CA THR D 57 24.91 2.43 -0.32
C THR D 57 24.42 1.63 -1.52
N GLY D 58 25.14 0.57 -1.86
CA GLY D 58 24.71 -0.31 -2.92
C GLY D 58 23.73 -1.36 -2.42
N ILE D 59 23.17 -2.12 -3.38
CA ILE D 59 22.16 -3.12 -3.09
C ILE D 59 22.50 -4.40 -3.84
N SER D 60 22.35 -5.53 -3.17
CA SER D 60 22.68 -6.83 -3.76
C SER D 60 21.63 -7.23 -4.79
N SER D 61 21.89 -8.36 -5.46
CA SER D 61 20.98 -8.83 -6.49
C SER D 61 19.71 -9.44 -5.89
N LYS D 62 19.86 -10.23 -4.82
CA LYS D 62 18.69 -10.85 -4.20
C LYS D 62 17.73 -9.80 -3.65
N ALA D 63 18.28 -8.77 -3.00
CA ALA D 63 17.44 -7.68 -2.52
C ALA D 63 16.77 -6.95 -3.68
N MET D 64 17.48 -6.81 -4.80
CA MET D 64 16.89 -6.18 -5.98
C MET D 64 15.70 -6.99 -6.48
N GLY D 65 15.84 -8.31 -6.56
CA GLY D 65 14.71 -9.13 -6.98
C GLY D 65 13.56 -9.06 -6.01
N ILE D 66 13.85 -9.04 -4.70
CA ILE D 66 12.80 -8.93 -3.71
C ILE D 66 12.04 -7.62 -3.86
N MET D 67 12.76 -6.53 -4.07
CA MET D 67 12.12 -5.23 -4.23
C MET D 67 11.30 -5.18 -5.51
N ASN D 68 11.80 -5.78 -6.58
CA ASN D 68 11.04 -5.87 -7.83
C ASN D 68 9.72 -6.60 -7.61
N SER D 69 9.77 -7.74 -6.91
CA SER D 69 8.56 -8.49 -6.62
C SER D 69 7.59 -7.68 -5.77
N PHE D 70 8.12 -6.95 -4.78
CA PHE D 70 7.27 -6.12 -3.93
C PHE D 70 6.56 -5.06 -4.76
N VAL D 71 7.28 -4.39 -5.66
CA VAL D 71 6.68 -3.36 -6.50
C VAL D 71 5.58 -3.96 -7.37
N ASN D 72 5.86 -5.10 -7.98
CA ASN D 72 4.84 -5.74 -8.81
C ASN D 72 3.59 -6.09 -7.99
N ASP D 73 3.80 -6.64 -6.79
CA ASP D 73 2.67 -7.03 -5.95
C ASP D 73 1.81 -5.83 -5.58
N ILE D 74 2.44 -4.75 -5.14
CA ILE D 74 1.68 -3.57 -4.72
C ILE D 74 0.94 -2.98 -5.92
N PHE D 75 1.60 -2.92 -7.07
CA PHE D 75 0.97 -2.38 -8.26
C PHE D 75 -0.27 -3.19 -8.64
N GLU D 76 -0.15 -4.52 -8.63
CA GLU D 76 -1.29 -5.35 -9.00
C GLU D 76 -2.43 -5.18 -8.01
N ARG D 77 -2.11 -5.13 -6.71
CA ARG D 77 -3.14 -4.93 -5.71
C ARG D 77 -3.92 -3.64 -5.96
N ILE D 78 -3.19 -2.53 -6.11
CA ILE D 78 -3.84 -1.23 -6.28
C ILE D 78 -4.67 -1.21 -7.55
N ALA D 79 -4.12 -1.70 -8.66
CA ALA D 79 -4.84 -1.66 -9.93
C ALA D 79 -6.09 -2.53 -9.89
N GLY D 80 -5.99 -3.72 -9.29
CA GLY D 80 -7.16 -4.57 -9.20
C GLY D 80 -8.26 -3.95 -8.35
N GLU D 81 -7.88 -3.37 -7.21
CA GLU D 81 -8.89 -2.71 -6.37
C GLU D 81 -9.54 -1.55 -7.11
N ALA D 82 -8.74 -0.77 -7.85
CA ALA D 82 -9.31 0.33 -8.61
C ALA D 82 -10.26 -0.17 -9.69
N SER D 83 -9.91 -1.27 -10.36
CA SER D 83 -10.78 -1.82 -11.38
C SER D 83 -12.11 -2.25 -10.78
N ARG D 84 -12.07 -2.96 -9.65
CA ARG D 84 -13.32 -3.38 -9.02
C ARG D 84 -14.13 -2.18 -8.58
N LEU D 85 -13.48 -1.17 -7.99
CA LEU D 85 -14.20 0.00 -7.50
C LEU D 85 -14.87 0.75 -8.64
N ALA D 86 -14.18 0.90 -9.77
CA ALA D 86 -14.81 1.54 -10.93
C ALA D 86 -15.96 0.70 -11.45
N HIS D 87 -15.82 -0.63 -11.44
CA HIS D 87 -16.89 -1.49 -11.92
C HIS D 87 -18.13 -1.41 -11.05
N TYR D 88 -17.97 -1.18 -9.74
CA TYR D 88 -19.13 -1.20 -8.86
C TYR D 88 -20.08 -0.04 -9.16
N ASN D 89 -19.56 1.05 -9.74
CA ASN D 89 -20.33 2.26 -9.99
C ASN D 89 -20.84 2.37 -11.43
N LYS D 90 -20.73 1.30 -12.21
CA LYS D 90 -21.19 1.28 -13.59
C LYS D 90 -20.48 2.34 -14.42
N ARG D 91 -19.15 2.39 -14.30
CA ARG D 91 -18.31 3.30 -15.06
C ARG D 91 -17.45 2.50 -16.04
N SER D 92 -16.59 3.20 -16.77
CA SER D 92 -15.71 2.56 -17.72
C SER D 92 -14.30 3.12 -17.74
N THR D 93 -13.96 4.07 -16.87
CA THR D 93 -12.64 4.68 -16.87
C THR D 93 -12.02 4.60 -15.48
N ILE D 94 -10.74 4.31 -15.43
CA ILE D 94 -9.97 4.33 -14.19
C ILE D 94 -9.30 5.70 -14.13
N THR D 95 -9.99 6.66 -13.54
CA THR D 95 -9.45 8.01 -13.40
C THR D 95 -8.47 8.03 -12.23
N SER D 96 -8.04 9.23 -11.84
CA SER D 96 -7.15 9.34 -10.70
C SER D 96 -7.89 9.12 -9.38
N ARG D 97 -9.18 9.43 -9.35
CA ARG D 97 -9.93 9.31 -8.10
C ARG D 97 -10.08 7.85 -7.69
N GLU D 98 -10.26 6.94 -8.65
CA GLU D 98 -10.35 5.53 -8.32
C GLU D 98 -9.04 5.04 -7.71
N ILE D 99 -7.90 5.43 -8.29
CA ILE D 99 -6.62 5.02 -7.73
C ILE D 99 -6.43 5.63 -6.34
N GLN D 100 -6.90 6.87 -6.15
CA GLN D 100 -6.77 7.51 -4.84
C GLN D 100 -7.57 6.75 -3.79
N THR D 101 -8.80 6.36 -4.11
CA THR D 101 -9.62 5.64 -3.15
C THR D 101 -9.06 4.24 -2.91
N ALA D 102 -8.51 3.60 -3.95
CA ALA D 102 -7.89 2.29 -3.76
C ALA D 102 -6.68 2.39 -2.83
N VAL D 103 -5.87 3.44 -3.00
CA VAL D 103 -4.74 3.65 -2.10
C VAL D 103 -5.22 3.90 -0.68
N ARG D 104 -6.29 4.70 -0.54
CA ARG D 104 -6.84 4.96 0.78
C ARG D 104 -7.32 3.68 1.45
N LEU D 105 -7.93 2.78 0.69
CA LEU D 105 -8.44 1.55 1.26
C LEU D 105 -7.33 0.57 1.61
N LEU D 106 -6.35 0.41 0.72
CA LEU D 106 -5.36 -0.65 0.90
C LEU D 106 -4.36 -0.30 2.00
N LEU D 107 -3.88 0.91 2.03
CA LEU D 107 -2.80 1.16 2.97
C LEU D 107 -3.34 1.54 4.35
N PRO D 108 -2.60 1.27 5.42
CA PRO D 108 -2.99 1.75 6.73
C PRO D 108 -2.93 3.28 6.81
N GLY D 109 -3.40 3.80 7.95
CA GLY D 109 -3.65 5.22 8.11
C GLY D 109 -2.58 6.19 7.68
N GLU D 110 -1.45 6.21 8.38
CA GLU D 110 -0.41 7.19 8.08
C GLU D 110 0.17 6.97 6.69
N LEU D 111 0.41 5.71 6.31
CA LEU D 111 0.90 5.43 4.98
C LEU D 111 -0.09 5.88 3.92
N ALA D 112 -1.39 5.66 4.16
CA ALA D 112 -2.39 6.10 3.21
C ALA D 112 -2.39 7.61 3.06
N LYS D 113 -2.30 8.33 4.18
CA LYS D 113 -2.29 9.78 4.12
C LYS D 113 -1.08 10.29 3.34
N HIS D 114 0.10 9.75 3.64
CA HIS D 114 1.30 10.21 2.95
C HIS D 114 1.28 9.86 1.48
N ALA D 115 0.81 8.66 1.13
CA ALA D 115 0.72 8.28 -0.28
C ALA D 115 -0.25 9.17 -1.03
N VAL D 116 -1.40 9.48 -0.42
CA VAL D 116 -2.37 10.36 -1.06
C VAL D 116 -1.78 11.73 -1.27
N SER D 117 -1.07 12.26 -0.27
CA SER D 117 -0.45 13.57 -0.41
C SER D 117 0.59 13.57 -1.53
N GLU D 118 1.45 12.56 -1.56
CA GLU D 118 2.48 12.48 -2.58
C GLU D 118 1.87 12.40 -3.97
N GLY D 119 0.86 11.55 -4.14
CA GLY D 119 0.24 11.40 -5.44
C GLY D 119 -0.48 12.66 -5.90
N THR D 120 -1.20 13.31 -4.99
CA THR D 120 -1.89 14.55 -5.34
C THR D 120 -0.89 15.63 -5.75
N LYS D 121 0.22 15.75 -5.01
CA LYS D 121 1.25 16.71 -5.40
C LYS D 121 1.81 16.38 -6.77
N ALA D 122 2.09 15.09 -7.03
CA ALA D 122 2.64 14.71 -8.32
C ALA D 122 1.68 15.04 -9.46
N VAL D 123 0.38 14.74 -9.28
CA VAL D 123 -0.56 14.97 -10.36
C VAL D 123 -0.78 16.47 -10.59
N THR D 124 -0.81 17.27 -9.52
CA THR D 124 -1.00 18.70 -9.72
C THR D 124 0.26 19.36 -10.27
N LYS D 125 1.43 18.76 -10.07
CA LYS D 125 2.63 19.24 -10.75
C LYS D 125 2.61 18.85 -12.22
N TYR D 126 2.14 17.64 -12.52
CA TYR D 126 2.11 17.18 -13.90
C TYR D 126 1.11 17.97 -14.74
N THR D 127 -0.05 18.29 -14.18
CA THR D 127 -1.11 18.89 -14.97
C THR D 127 -0.81 20.32 -15.39
N SER D 128 0.11 21.01 -14.70
CA SER D 128 0.46 22.39 -15.02
C SER D 128 1.98 22.49 -15.11
N LYS E 42 34.41 -33.85 37.83
CA LYS E 42 35.57 -33.16 37.29
C LYS E 42 35.31 -32.47 35.94
N PRO E 43 34.71 -33.18 34.96
CA PRO E 43 34.39 -32.50 33.70
C PRO E 43 33.38 -31.38 33.92
N HIS E 44 33.51 -30.33 33.12
CA HIS E 44 32.69 -29.14 33.24
C HIS E 44 31.41 -29.34 32.43
N ARG E 45 30.27 -29.44 33.11
CA ARG E 45 28.98 -29.65 32.49
C ARG E 45 28.07 -28.48 32.78
N TYR E 46 27.48 -27.92 31.72
CA TYR E 46 26.54 -26.82 31.89
C TYR E 46 25.26 -27.30 32.55
N ARG E 47 24.58 -26.38 33.24
CA ARG E 47 23.29 -26.71 33.81
C ARG E 47 22.31 -27.03 32.69
N PRO E 48 21.43 -28.02 32.88
CA PRO E 48 20.46 -28.34 31.82
C PRO E 48 19.54 -27.17 31.55
N GLY E 49 19.51 -26.75 30.28
CA GLY E 49 18.68 -25.64 29.86
C GLY E 49 19.38 -24.31 29.69
N THR E 50 20.70 -24.26 29.85
CA THR E 50 21.43 -23.02 29.66
C THR E 50 22.16 -22.96 28.32
N VAL E 51 22.21 -24.06 27.58
CA VAL E 51 22.77 -24.03 26.23
C VAL E 51 21.67 -23.99 25.17
N ALA E 52 20.44 -24.39 25.52
CA ALA E 52 19.33 -24.24 24.60
C ALA E 52 19.07 -22.77 24.30
N LEU E 53 19.21 -21.91 25.31
CA LEU E 53 19.08 -20.47 25.08
C LEU E 53 20.15 -19.97 24.13
N ARG E 54 21.37 -20.51 24.25
CA ARG E 54 22.43 -20.13 23.31
C ARG E 54 22.08 -20.55 21.90
N GLU E 55 21.50 -21.74 21.74
CA GLU E 55 21.07 -22.17 20.41
C GLU E 55 19.98 -21.26 19.87
N ILE E 56 19.04 -20.85 20.72
CA ILE E 56 18.00 -19.91 20.29
C ILE E 56 18.63 -18.61 19.82
N ARG E 57 19.58 -18.08 20.61
CA ARG E 57 20.20 -16.81 20.26
C ARG E 57 20.97 -16.90 18.96
N ARG E 58 21.66 -18.03 18.72
CA ARG E 58 22.47 -18.15 17.51
C ARG E 58 21.60 -18.38 16.28
N TYR E 59 20.56 -19.19 16.41
CA TYR E 59 19.76 -19.52 15.24
C TYR E 59 18.82 -18.37 14.84
N GLN E 60 18.36 -17.59 15.82
CA GLN E 60 17.56 -16.42 15.49
C GLN E 60 18.39 -15.31 14.87
N LYS E 61 19.71 -15.43 14.85
CA LYS E 61 20.60 -14.41 14.33
C LYS E 61 21.02 -14.65 12.88
N SER E 62 20.99 -15.90 12.42
CA SER E 62 21.42 -16.22 11.07
C SER E 62 20.22 -16.44 10.17
N THR E 63 20.49 -16.64 8.88
CA THR E 63 19.44 -16.77 7.87
C THR E 63 19.53 -18.04 7.04
N GLU E 64 20.55 -18.87 7.23
CA GLU E 64 20.76 -20.02 6.37
C GLU E 64 19.64 -21.03 6.53
N LEU E 65 19.50 -21.90 5.53
CA LEU E 65 18.49 -22.95 5.57
C LEU E 65 18.87 -24.00 6.61
N LEU E 66 17.84 -24.58 7.23
CA LEU E 66 18.05 -25.51 8.35
C LEU E 66 17.96 -26.96 7.94
N ILE E 67 16.94 -27.33 7.16
CA ILE E 67 16.80 -28.72 6.74
C ILE E 67 17.82 -29.04 5.66
N ARG E 68 18.27 -30.29 5.62
CA ARG E 68 19.23 -30.72 4.63
C ARG E 68 18.61 -30.70 3.24
N LYS E 69 19.45 -30.57 2.22
CA LYS E 69 18.95 -30.26 0.89
C LYS E 69 18.52 -31.51 0.13
N LEU E 70 19.40 -32.51 0.00
CA LEU E 70 19.01 -33.73 -0.70
C LEU E 70 17.86 -34.48 -0.06
N PRO E 71 17.76 -34.64 1.26
CA PRO E 71 16.55 -35.27 1.81
C PRO E 71 15.28 -34.53 1.45
N PHE E 72 15.30 -33.19 1.48
CA PHE E 72 14.13 -32.42 1.10
C PHE E 72 13.81 -32.61 -0.38
N GLN E 73 14.83 -32.62 -1.24
CA GLN E 73 14.59 -32.80 -2.66
C GLN E 73 13.99 -34.17 -2.95
N ARG E 74 14.52 -35.22 -2.31
CA ARG E 74 13.97 -36.55 -2.51
C ARG E 74 12.53 -36.64 -1.99
N LEU E 75 12.26 -36.02 -0.84
CA LEU E 75 10.89 -36.02 -0.32
C LEU E 75 9.94 -35.31 -1.27
N VAL E 76 10.37 -34.18 -1.84
CA VAL E 76 9.52 -33.44 -2.77
C VAL E 76 9.25 -34.28 -4.01
N ARG E 77 10.29 -34.94 -4.54
CA ARG E 77 10.08 -35.77 -5.72
C ARG E 77 9.13 -36.93 -5.43
N GLU E 78 9.28 -37.57 -4.28
CA GLU E 78 8.38 -38.68 -3.93
C GLU E 78 6.95 -38.19 -3.79
N ILE E 79 6.75 -37.06 -3.13
CA ILE E 79 5.40 -36.53 -2.96
C ILE E 79 4.80 -36.14 -4.30
N ALA E 80 5.62 -35.60 -5.20
CA ALA E 80 5.10 -35.11 -6.48
C ALA E 80 4.78 -36.24 -7.45
N GLN E 81 5.52 -37.36 -7.39
CA GLN E 81 5.29 -38.38 -8.41
C GLN E 81 3.93 -39.07 -8.29
N ASP E 82 3.20 -38.86 -7.20
CA ASP E 82 1.86 -39.43 -7.09
C ASP E 82 0.88 -38.71 -7.99
N PHE E 83 0.95 -37.38 -8.05
CA PHE E 83 -0.01 -36.62 -8.84
C PHE E 83 0.21 -36.83 -10.33
N LYS E 84 1.45 -36.73 -10.79
CA LYS E 84 1.80 -37.00 -12.18
C LYS E 84 3.16 -37.68 -12.24
N THR E 85 3.26 -38.69 -13.09
CA THR E 85 4.48 -39.48 -13.19
C THR E 85 5.55 -38.69 -13.94
N ASP E 86 6.77 -39.26 -13.94
CA ASP E 86 7.93 -38.82 -14.72
C ASP E 86 8.02 -37.29 -14.87
N LEU E 87 7.86 -36.60 -13.75
CA LEU E 87 8.00 -35.15 -13.73
C LEU E 87 9.47 -34.77 -13.55
N ARG E 88 9.78 -33.52 -13.89
CA ARG E 88 11.10 -32.95 -13.69
C ARG E 88 10.97 -31.66 -12.91
N PHE E 89 12.02 -31.31 -12.18
CA PHE E 89 12.00 -30.14 -11.32
C PHE E 89 13.18 -29.24 -11.65
N GLN E 90 12.99 -27.95 -11.42
CA GLN E 90 14.05 -26.96 -11.50
C GLN E 90 14.56 -26.65 -10.10
N SER E 91 15.88 -26.42 -9.99
CA SER E 91 16.48 -26.17 -8.68
C SER E 91 15.87 -24.96 -8.01
N SER E 92 15.51 -23.93 -8.78
CA SER E 92 14.88 -22.75 -8.20
C SER E 92 13.55 -23.10 -7.55
N ALA E 93 12.76 -23.96 -8.19
CA ALA E 93 11.48 -24.35 -7.61
C ALA E 93 11.67 -25.09 -6.30
N VAL E 94 12.65 -25.99 -6.24
CA VAL E 94 12.90 -26.74 -5.01
C VAL E 94 13.38 -25.79 -3.91
N MET E 95 14.24 -24.83 -4.25
CA MET E 95 14.67 -23.86 -3.25
C MET E 95 13.49 -23.05 -2.72
N ALA E 96 12.60 -22.61 -3.62
CA ALA E 96 11.44 -21.84 -3.18
C ALA E 96 10.54 -22.66 -2.26
N LEU E 97 10.32 -23.93 -2.62
CA LEU E 97 9.51 -24.80 -1.78
C LEU E 97 10.14 -24.95 -0.40
N GLN E 98 11.46 -25.14 -0.35
CA GLN E 98 12.13 -25.28 0.93
C GLN E 98 12.00 -24.03 1.78
N GLU E 99 12.17 -22.86 1.16
CA GLU E 99 12.04 -21.61 1.92
C GLU E 99 10.63 -21.46 2.48
N ALA E 100 9.61 -21.73 1.66
CA ALA E 100 8.24 -21.58 2.12
C ALA E 100 7.94 -22.55 3.26
N CYS E 101 8.38 -23.80 3.15
CA CYS E 101 8.13 -24.77 4.19
C CYS E 101 8.83 -24.40 5.49
N GLU E 102 10.08 -23.93 5.39
CA GLU E 102 10.80 -23.50 6.59
C GLU E 102 10.08 -22.36 7.29
N ALA E 103 9.63 -21.36 6.53
CA ALA E 103 8.92 -20.24 7.13
C ALA E 103 7.63 -20.69 7.80
N TYR E 104 6.87 -21.57 7.13
CA TYR E 104 5.62 -22.06 7.70
C TYR E 104 5.86 -22.80 9.01
N LEU E 105 6.87 -23.68 9.04
CA LEU E 105 7.16 -24.44 10.24
C LEU E 105 7.63 -23.53 11.37
N VAL E 106 8.45 -22.53 11.06
CA VAL E 106 8.92 -21.61 12.09
C VAL E 106 7.74 -20.86 12.70
N GLY E 107 6.83 -20.36 11.87
CA GLY E 107 5.65 -19.68 12.40
C GLY E 107 4.79 -20.60 13.25
N LEU E 108 4.59 -21.84 12.79
CA LEU E 108 3.79 -22.79 13.56
C LEU E 108 4.43 -23.07 14.91
N PHE E 109 5.76 -23.14 14.95
CA PHE E 109 6.43 -23.41 16.21
C PHE E 109 6.37 -22.22 17.16
N GLU E 110 6.41 -20.99 16.63
CA GLU E 110 6.17 -19.83 17.48
C GLU E 110 4.78 -19.90 18.12
N ASP E 111 3.77 -20.23 17.30
CA ASP E 111 2.42 -20.33 17.84
C ASP E 111 2.32 -21.45 18.88
N THR E 112 2.97 -22.57 18.62
CA THR E 112 2.97 -23.68 19.58
C THR E 112 3.62 -23.27 20.89
N ASN E 113 4.74 -22.54 20.82
CA ASN E 113 5.39 -22.07 22.03
C ASN E 113 4.46 -21.17 22.84
N LEU E 114 3.76 -20.27 22.15
CA LEU E 114 2.83 -19.40 22.87
C LEU E 114 1.73 -20.21 23.54
N CYS E 115 1.16 -21.19 22.82
CA CYS E 115 0.10 -22.01 23.39
C CYS E 115 0.60 -22.80 24.59
N ALA E 116 1.80 -23.35 24.51
CA ALA E 116 2.35 -24.12 25.62
C ALA E 116 2.61 -23.23 26.84
N ILE E 117 3.16 -22.04 26.63
CA ILE E 117 3.43 -21.15 27.75
C ILE E 117 2.12 -20.69 28.39
N HIS E 118 1.05 -20.53 27.60
CA HIS E 118 -0.22 -20.11 28.18
C HIS E 118 -0.75 -21.10 29.20
N ALA E 119 -0.36 -22.37 29.12
CA ALA E 119 -0.84 -23.40 30.05
C ALA E 119 0.11 -23.61 31.22
N LYS E 120 0.96 -22.62 31.52
CA LYS E 120 1.93 -22.70 32.62
C LYS E 120 2.86 -23.90 32.45
N ARG E 121 3.41 -24.04 31.24
CA ARG E 121 4.43 -25.03 30.96
C ARG E 121 5.51 -24.36 30.12
N VAL E 122 6.63 -25.08 29.95
CA VAL E 122 7.73 -24.57 29.13
C VAL E 122 8.11 -25.61 28.09
N THR E 123 7.31 -26.67 27.99
CA THR E 123 7.56 -27.76 27.05
C THR E 123 6.41 -27.84 26.06
N ILE E 124 6.73 -27.91 24.78
CA ILE E 124 5.71 -28.06 23.75
C ILE E 124 5.30 -29.52 23.63
N MET E 125 4.03 -29.74 23.37
CA MET E 125 3.45 -31.07 23.28
C MET E 125 2.55 -31.11 22.06
N PRO E 126 2.22 -32.31 21.56
CA PRO E 126 1.38 -32.36 20.34
C PRO E 126 0.05 -31.67 20.48
N LYS E 127 -0.55 -31.66 21.67
CA LYS E 127 -1.83 -30.98 21.84
C LYS E 127 -1.70 -29.48 21.61
N ASP E 128 -0.54 -28.89 21.93
CA ASP E 128 -0.33 -27.48 21.64
C ASP E 128 -0.34 -27.20 20.15
N ILE E 129 0.37 -28.04 19.38
CA ILE E 129 0.36 -27.88 17.93
C ILE E 129 -1.04 -28.03 17.38
N GLN E 130 -1.77 -29.04 17.85
CA GLN E 130 -3.12 -29.27 17.37
C GLN E 130 -4.04 -28.09 17.68
N LEU E 131 -3.92 -27.53 18.90
CA LEU E 131 -4.74 -26.38 19.26
C LEU E 131 -4.41 -25.16 18.41
N ALA E 132 -3.12 -24.92 18.18
CA ALA E 132 -2.72 -23.78 17.35
C ALA E 132 -3.26 -23.94 15.92
N ARG E 133 -3.15 -25.14 15.37
CA ARG E 133 -3.66 -25.37 14.01
C ARG E 133 -5.18 -25.19 13.96
N ARG E 134 -5.88 -25.68 14.99
CA ARG E 134 -7.33 -25.54 15.00
C ARG E 134 -7.74 -24.07 15.09
N ILE E 135 -7.07 -23.29 15.93
CA ILE E 135 -7.41 -21.88 16.05
C ILE E 135 -7.12 -21.15 14.74
N ARG E 136 -5.96 -21.42 14.12
CA ARG E 136 -5.69 -20.84 12.81
C ARG E 136 -6.68 -21.31 11.76
N GLY E 137 -7.31 -22.47 11.96
CA GLY E 137 -8.31 -22.96 11.05
C GLY E 137 -7.79 -23.74 9.87
N GLU E 138 -6.57 -24.25 9.94
CA GLU E 138 -5.98 -24.91 8.78
C GLU E 138 -6.65 -26.26 8.50
N ARG E 139 -6.82 -27.09 9.53
CA ARG E 139 -7.43 -28.40 9.34
C ARG E 139 -8.93 -28.38 9.60
N ALA E 140 -9.48 -27.28 10.10
CA ALA E 140 -10.90 -27.16 10.40
C ALA E 140 -11.39 -28.28 11.33
N VAL F 26 11.35 -45.69 -8.71
CA VAL F 26 10.34 -45.56 -7.68
C VAL F 26 11.00 -45.22 -6.34
N LEU F 27 10.39 -44.32 -5.59
CA LEU F 27 10.91 -43.86 -4.31
C LEU F 27 9.88 -44.10 -3.21
N ARG F 28 10.37 -44.43 -2.02
CA ARG F 28 9.50 -44.69 -0.88
C ARG F 28 10.28 -44.47 0.40
N ASP F 29 9.54 -44.22 1.48
CA ASP F 29 10.09 -44.07 2.83
C ASP F 29 11.13 -42.94 2.87
N ASN F 30 10.66 -41.72 2.61
CA ASN F 30 11.53 -40.56 2.57
C ASN F 30 11.21 -39.49 3.61
N ILE F 31 10.08 -39.60 4.31
CA ILE F 31 9.76 -38.63 5.35
C ILE F 31 10.75 -38.74 6.51
N GLN F 32 11.44 -39.88 6.63
CA GLN F 32 12.49 -40.01 7.63
C GLN F 32 13.70 -39.14 7.35
N GLY F 33 13.79 -38.55 6.15
CA GLY F 33 14.86 -37.62 5.86
C GLY F 33 14.79 -36.35 6.68
N ILE F 34 13.62 -35.99 7.19
CA ILE F 34 13.47 -34.86 8.10
C ILE F 34 13.90 -35.35 9.48
N THR F 35 15.19 -35.17 9.79
CA THR F 35 15.77 -35.76 10.97
C THR F 35 15.30 -35.03 12.23
N LYS F 36 15.55 -35.66 13.38
CA LYS F 36 15.29 -35.01 14.66
C LYS F 36 16.09 -33.73 14.85
N PRO F 37 17.41 -33.68 14.57
CA PRO F 37 18.13 -32.42 14.73
C PRO F 37 17.58 -31.28 13.88
N ALA F 38 17.10 -31.57 12.67
CA ALA F 38 16.57 -30.50 11.83
C ALA F 38 15.33 -29.88 12.45
N ILE F 39 14.42 -30.71 12.96
CA ILE F 39 13.22 -30.20 13.61
C ILE F 39 13.60 -29.45 14.88
N ARG F 40 14.60 -29.95 15.62
CA ARG F 40 15.05 -29.22 16.80
C ARG F 40 15.58 -27.85 16.43
N ARG F 41 16.34 -27.75 15.34
CA ARG F 41 16.88 -26.47 14.91
C ARG F 41 15.77 -25.51 14.50
N LEU F 42 14.78 -26.01 13.75
CA LEU F 42 13.65 -25.16 13.37
C LEU F 42 12.91 -24.66 14.59
N ALA F 43 12.67 -25.53 15.56
CA ALA F 43 11.98 -25.12 16.77
C ALA F 43 12.81 -24.13 17.57
N ARG F 44 14.13 -24.32 17.60
CA ARG F 44 15.01 -23.36 18.29
C ARG F 44 14.92 -21.99 17.65
N ARG F 45 14.88 -21.94 16.31
CA ARG F 45 14.64 -20.66 15.66
C ARG F 45 13.29 -20.09 16.05
N GLY F 46 12.26 -20.95 16.15
CA GLY F 46 10.96 -20.48 16.57
C GLY F 46 10.96 -19.91 17.97
N GLY F 47 11.87 -20.36 18.82
CA GLY F 47 11.96 -19.83 20.18
C GLY F 47 11.34 -20.71 21.24
N VAL F 48 11.64 -22.00 21.21
CA VAL F 48 11.19 -22.93 22.23
C VAL F 48 12.39 -23.41 23.03
N LYS F 49 12.16 -23.83 24.27
CA LYS F 49 13.22 -24.26 25.16
C LYS F 49 13.27 -25.77 25.34
N ARG F 50 12.17 -26.39 25.72
CA ARG F 50 12.10 -27.83 25.93
C ARG F 50 11.17 -28.45 24.91
N ILE F 51 11.63 -29.50 24.23
CA ILE F 51 10.87 -30.19 23.20
C ILE F 51 10.59 -31.61 23.67
N SER F 52 9.32 -31.99 23.68
CA SER F 52 8.94 -33.33 24.09
C SER F 52 9.37 -34.35 23.03
N GLY F 53 9.19 -35.62 23.36
CA GLY F 53 9.59 -36.69 22.46
C GLY F 53 8.61 -37.05 21.38
N LEU F 54 7.40 -36.51 21.42
CA LEU F 54 6.37 -36.83 20.45
C LEU F 54 6.13 -35.72 19.44
N ILE F 55 6.87 -34.61 19.53
CA ILE F 55 6.67 -33.50 18.61
C ILE F 55 7.07 -33.87 17.18
N TYR F 56 8.11 -34.70 17.04
CA TYR F 56 8.70 -34.94 15.72
C TYR F 56 7.69 -35.60 14.76
N GLU F 57 6.94 -36.58 15.25
CA GLU F 57 5.97 -37.24 14.38
C GLU F 57 4.90 -36.27 13.90
N GLU F 58 4.38 -35.45 14.80
CA GLU F 58 3.35 -34.47 14.42
C GLU F 58 3.90 -33.47 13.42
N THR F 59 5.14 -33.02 13.63
CA THR F 59 5.77 -32.09 12.70
C THR F 59 5.92 -32.71 11.32
N ARG F 60 6.35 -33.97 11.26
CA ARG F 60 6.48 -34.64 9.98
C ARG F 60 5.12 -34.74 9.29
N GLY F 61 4.07 -35.04 10.05
CA GLY F 61 2.75 -35.13 9.45
C GLY F 61 2.28 -33.82 8.86
N VAL F 62 2.43 -32.73 9.62
CA VAL F 62 1.96 -31.44 9.13
C VAL F 62 2.80 -30.98 7.95
N LEU F 63 4.11 -31.26 7.97
CA LEU F 63 4.95 -30.91 6.84
C LEU F 63 4.53 -31.68 5.58
N LYS F 64 4.24 -32.97 5.73
CA LYS F 64 3.79 -33.75 4.59
C LYS F 64 2.50 -33.19 4.02
N VAL F 65 1.56 -32.81 4.89
CA VAL F 65 0.30 -32.24 4.42
C VAL F 65 0.56 -30.95 3.64
N PHE F 66 1.42 -30.08 4.17
CA PHE F 66 1.69 -28.81 3.49
C PHE F 66 2.36 -29.03 2.13
N LEU F 67 3.33 -29.94 2.07
CA LEU F 67 3.96 -30.24 0.79
C LEU F 67 2.96 -30.78 -0.21
N GLU F 68 2.07 -31.68 0.22
CA GLU F 68 1.07 -32.20 -0.70
C GLU F 68 0.20 -31.06 -1.23
N ASN F 69 -0.23 -30.17 -0.35
CA ASN F 69 -1.13 -29.09 -0.76
C ASN F 69 -0.46 -28.17 -1.77
N VAL F 70 0.81 -27.81 -1.55
CA VAL F 70 1.47 -26.92 -2.48
C VAL F 70 1.78 -27.62 -3.80
N ILE F 71 2.25 -28.86 -3.73
CA ILE F 71 2.67 -29.58 -4.93
C ILE F 71 1.48 -29.85 -5.84
N ARG F 72 0.30 -30.11 -5.27
CA ARG F 72 -0.87 -30.34 -6.11
C ARG F 72 -1.13 -29.15 -7.04
N ASP F 73 -1.18 -27.95 -6.47
CA ASP F 73 -1.42 -26.76 -7.27
C ASP F 73 -0.29 -26.50 -8.25
N ALA F 74 0.96 -26.67 -7.81
CA ALA F 74 2.08 -26.44 -8.72
C ALA F 74 2.02 -27.39 -9.92
N VAL F 75 1.75 -28.66 -9.67
CA VAL F 75 1.70 -29.65 -10.74
C VAL F 75 0.52 -29.36 -11.67
N THR F 76 -0.62 -28.94 -11.12
CA THR F 76 -1.75 -28.61 -11.97
C THR F 76 -1.43 -27.41 -12.86
N TYR F 77 -0.78 -26.38 -12.31
CA TYR F 77 -0.36 -25.24 -13.12
C TYR F 77 0.57 -25.68 -14.23
N THR F 78 1.53 -26.57 -13.92
CA THR F 78 2.42 -27.07 -14.96
C THR F 78 1.66 -27.84 -16.02
N GLU F 79 0.71 -28.67 -15.61
CA GLU F 79 -0.03 -29.50 -16.55
C GLU F 79 -0.86 -28.65 -17.50
N HIS F 80 -1.45 -27.56 -17.00
CA HIS F 80 -2.28 -26.73 -17.87
C HIS F 80 -1.46 -26.13 -19.00
N ALA F 81 -0.24 -25.68 -18.70
CA ALA F 81 0.60 -25.05 -19.71
C ALA F 81 1.25 -26.05 -20.66
N LYS F 82 0.87 -27.33 -20.58
CA LYS F 82 1.41 -28.38 -21.46
C LYS F 82 2.92 -28.46 -21.36
N ARG F 83 3.45 -28.29 -20.16
CA ARG F 83 4.88 -28.40 -19.88
C ARG F 83 5.15 -29.67 -19.08
N LYS F 84 6.43 -29.94 -18.82
CA LYS F 84 6.83 -31.13 -18.09
C LYS F 84 7.87 -30.84 -17.03
N THR F 85 8.08 -29.58 -16.65
CA THR F 85 8.99 -29.22 -15.58
C THR F 85 8.29 -28.24 -14.66
N VAL F 86 8.39 -28.46 -13.36
CA VAL F 86 7.76 -27.58 -12.37
C VAL F 86 8.66 -26.37 -12.22
N THR F 87 8.36 -25.31 -12.97
CA THR F 87 9.16 -24.10 -12.92
C THR F 87 8.91 -23.36 -11.61
N ALA F 88 9.91 -22.59 -11.16
CA ALA F 88 9.76 -21.83 -9.92
C ALA F 88 8.57 -20.91 -9.97
N MET F 89 8.19 -20.43 -11.16
CA MET F 89 7.04 -19.56 -11.27
C MET F 89 5.77 -20.27 -10.82
N ASP F 90 5.61 -21.53 -11.21
CA ASP F 90 4.43 -22.30 -10.81
C ASP F 90 4.32 -22.40 -9.30
N VAL F 91 5.43 -22.70 -8.63
CA VAL F 91 5.43 -22.78 -7.18
C VAL F 91 5.09 -21.42 -6.57
N VAL F 92 5.62 -20.34 -7.15
CA VAL F 92 5.34 -19.02 -6.62
C VAL F 92 3.85 -18.71 -6.70
N TYR F 93 3.23 -18.99 -7.86
CA TYR F 93 1.82 -18.64 -7.98
C TYR F 93 0.94 -19.58 -7.17
N ALA F 94 1.34 -20.83 -6.99
CA ALA F 94 0.59 -21.71 -6.10
C ALA F 94 0.61 -21.18 -4.67
N LEU F 95 1.79 -20.75 -4.20
CA LEU F 95 1.89 -20.18 -2.87
C LEU F 95 1.07 -18.90 -2.75
N LYS F 96 1.07 -18.07 -3.79
CA LYS F 96 0.25 -16.86 -3.77
C LYS F 96 -1.24 -17.21 -3.70
N ARG F 97 -1.65 -18.23 -4.44
CA ARG F 97 -3.04 -18.66 -4.40
C ARG F 97 -3.42 -19.14 -3.01
N GLN F 98 -2.53 -19.87 -2.34
CA GLN F 98 -2.84 -20.39 -1.01
C GLN F 98 -2.83 -19.31 0.06
N GLY F 99 -2.37 -18.11 -0.24
CA GLY F 99 -2.37 -17.02 0.72
C GLY F 99 -1.07 -16.77 1.44
N ARG F 100 0.03 -17.38 0.99
CA ARG F 100 1.33 -17.25 1.62
C ARG F 100 2.37 -16.80 0.60
N THR F 101 2.04 -15.71 -0.10
CA THR F 101 2.86 -15.22 -1.22
C THR F 101 4.33 -15.12 -0.84
N LEU F 102 5.19 -15.36 -1.83
CA LEU F 102 6.63 -15.49 -1.63
C LEU F 102 7.35 -14.46 -2.49
N TYR F 103 8.38 -13.85 -1.93
CA TYR F 103 9.21 -12.88 -2.62
C TYR F 103 10.60 -13.46 -2.83
N GLY F 104 11.19 -13.17 -3.98
CA GLY F 104 12.57 -13.57 -4.25
C GLY F 104 12.74 -14.63 -5.31
N PHE F 105 11.70 -14.98 -6.06
CA PHE F 105 11.82 -15.96 -7.13
C PHE F 105 11.05 -15.53 -8.36
N GLY F 106 10.88 -14.22 -8.56
CA GLY F 106 10.12 -13.72 -9.68
C GLY F 106 8.88 -12.97 -9.26
N GLY F 107 7.72 -13.55 -9.53
CA GLY F 107 6.46 -12.92 -9.16
C GLY F 107 6.03 -11.83 -10.11
N SER G 1 -24.65 -31.16 -31.85
CA SER G 1 -26.08 -31.05 -31.66
C SER G 1 -26.72 -30.73 -33.02
N ALA G 2 -28.03 -30.45 -32.99
CA ALA G 2 -28.78 -30.16 -34.21
C ALA G 2 -28.86 -28.68 -34.52
N LYS G 3 -28.38 -27.81 -33.64
CA LYS G 3 -28.41 -26.36 -33.85
C LYS G 3 -29.83 -25.87 -34.13
N ALA G 4 -30.79 -26.39 -33.39
CA ALA G 4 -32.20 -26.07 -33.61
C ALA G 4 -32.86 -25.38 -32.44
N CYS G 5 -32.62 -25.83 -31.21
CA CYS G 5 -33.25 -25.25 -30.04
C CYS G 5 -32.37 -24.15 -29.45
N THR G 6 -32.87 -23.53 -28.39
CA THR G 6 -32.10 -22.51 -27.70
C THR G 6 -30.86 -23.10 -27.04
N ARG G 7 -29.83 -22.27 -26.89
CA ARG G 7 -28.53 -22.78 -26.42
C ARG G 7 -28.65 -23.39 -25.03
N SER G 8 -29.42 -22.76 -24.14
CA SER G 8 -29.62 -23.34 -22.81
C SER G 8 -30.28 -24.71 -22.91
N SER G 9 -31.30 -24.84 -23.77
CA SER G 9 -31.92 -26.14 -23.98
C SER G 9 -31.08 -27.04 -24.87
N ARG G 10 -30.23 -26.45 -25.71
CA ARG G 10 -29.43 -27.26 -26.63
C ARG G 10 -28.45 -28.15 -25.89
N ALA G 11 -27.84 -27.63 -24.83
CA ALA G 11 -26.88 -28.39 -24.03
C ALA G 11 -27.54 -29.10 -22.85
N GLY G 12 -28.85 -29.01 -22.71
CA GLY G 12 -29.52 -29.61 -21.57
C GLY G 12 -29.13 -28.98 -20.25
N LEU G 13 -28.95 -27.66 -20.24
CA LEU G 13 -28.48 -26.93 -19.07
C LEU G 13 -29.61 -26.00 -18.61
N GLN G 14 -30.00 -26.14 -17.34
CA GLN G 14 -31.08 -25.30 -16.82
C GLN G 14 -30.62 -23.84 -16.69
N PHE G 15 -29.38 -23.62 -16.26
CA PHE G 15 -28.87 -22.27 -16.15
C PHE G 15 -28.70 -21.66 -17.54
N PRO G 16 -28.87 -20.34 -17.65
CA PRO G 16 -28.76 -19.71 -18.97
C PRO G 16 -27.34 -19.77 -19.50
N VAL G 17 -27.25 -19.80 -20.83
CA VAL G 17 -25.96 -19.77 -21.50
C VAL G 17 -25.64 -18.41 -22.11
N GLY G 18 -26.64 -17.72 -22.67
CA GLY G 18 -26.38 -16.40 -23.23
C GLY G 18 -25.98 -15.39 -22.18
N ARG G 19 -26.65 -15.40 -21.03
CA ARG G 19 -26.33 -14.46 -19.97
C ARG G 19 -24.91 -14.67 -19.46
N VAL G 20 -24.49 -15.93 -19.30
CA VAL G 20 -23.13 -16.21 -18.87
C VAL G 20 -22.13 -15.70 -19.91
N HIS G 21 -22.43 -15.89 -21.19
CA HIS G 21 -21.55 -15.40 -22.25
C HIS G 21 -21.43 -13.89 -22.19
N ARG G 22 -22.55 -13.18 -22.02
CA ARG G 22 -22.52 -11.72 -21.95
C ARG G 22 -21.72 -11.26 -20.74
N LEU G 23 -21.91 -11.92 -19.60
CA LEU G 23 -21.18 -11.54 -18.40
C LEU G 23 -19.68 -11.76 -18.58
N LEU G 24 -19.29 -12.88 -19.19
CA LEU G 24 -17.88 -13.13 -19.45
C LEU G 24 -17.31 -12.08 -20.40
N ARG G 25 -18.08 -11.69 -21.41
CA ARG G 25 -17.59 -10.72 -22.38
C ARG G 25 -17.41 -9.34 -21.77
N LYS G 26 -18.39 -8.89 -20.98
CA LYS G 26 -18.38 -7.53 -20.46
C LYS G 26 -17.94 -7.46 -18.99
N GLY G 27 -17.29 -8.51 -18.49
CA GLY G 27 -16.76 -8.50 -17.15
C GLY G 27 -15.31 -8.12 -17.00
N ASN G 28 -14.66 -7.66 -18.08
CA ASN G 28 -13.25 -7.27 -18.05
C ASN G 28 -12.36 -8.42 -17.58
N TYR G 29 -12.62 -9.61 -18.10
CA TYR G 29 -11.82 -10.79 -17.78
C TYR G 29 -10.73 -11.07 -18.81
N SER G 30 -11.05 -10.97 -20.10
CA SER G 30 -10.05 -11.19 -21.13
C SER G 30 -10.49 -10.47 -22.40
N GLU G 31 -9.54 -10.29 -23.31
CA GLU G 31 -9.85 -9.64 -24.58
C GLU G 31 -10.82 -10.47 -25.42
N ARG G 32 -10.77 -11.79 -25.30
CA ARG G 32 -11.64 -12.68 -26.04
C ARG G 32 -12.23 -13.72 -25.10
N VAL G 33 -13.41 -14.21 -25.45
CA VAL G 33 -14.08 -15.28 -24.72
C VAL G 33 -14.37 -16.40 -25.71
N GLY G 34 -13.91 -17.60 -25.39
CA GLY G 34 -14.15 -18.73 -26.27
C GLY G 34 -15.61 -19.10 -26.33
N ALA G 35 -15.95 -19.87 -27.38
CA ALA G 35 -17.33 -20.26 -27.59
C ALA G 35 -17.75 -21.45 -26.75
N GLY G 36 -16.83 -22.09 -26.04
CA GLY G 36 -17.17 -23.24 -25.23
C GLY G 36 -17.13 -22.97 -23.74
N ALA G 37 -16.49 -21.88 -23.33
CA ALA G 37 -16.37 -21.57 -21.91
C ALA G 37 -17.71 -21.33 -21.22
N PRO G 38 -18.63 -20.51 -21.74
CA PRO G 38 -19.87 -20.27 -20.99
C PRO G 38 -20.68 -21.51 -20.71
N VAL G 39 -20.71 -22.47 -21.64
CA VAL G 39 -21.44 -23.71 -21.41
C VAL G 39 -20.86 -24.46 -20.23
N TYR G 40 -19.53 -24.58 -20.20
CA TYR G 40 -18.86 -25.27 -19.10
C TYR G 40 -19.14 -24.59 -17.78
N LEU G 41 -19.05 -23.25 -17.76
CA LEU G 41 -19.26 -22.51 -16.52
C LEU G 41 -20.69 -22.64 -16.02
N ALA G 42 -21.67 -22.56 -16.94
CA ALA G 42 -23.06 -22.70 -16.54
C ALA G 42 -23.33 -24.10 -16.01
N ALA G 43 -22.72 -25.11 -16.62
CA ALA G 43 -22.88 -26.47 -16.11
C ALA G 43 -22.34 -26.60 -14.69
N VAL G 44 -21.16 -26.02 -14.44
CA VAL G 44 -20.56 -26.09 -13.11
C VAL G 44 -21.48 -25.40 -12.09
N LEU G 45 -21.97 -24.21 -12.44
CA LEU G 45 -22.85 -23.49 -11.53
C LEU G 45 -24.11 -24.28 -11.22
N GLU G 46 -24.74 -24.87 -12.25
CA GLU G 46 -25.96 -25.63 -12.02
C GLU G 46 -25.69 -26.84 -11.14
N TYR G 47 -24.57 -27.54 -11.37
CA TYR G 47 -24.27 -28.71 -10.55
C TYR G 47 -24.09 -28.32 -9.09
N LEU G 48 -23.34 -27.24 -8.83
CA LEU G 48 -23.14 -26.81 -7.45
C LEU G 48 -24.46 -26.44 -6.78
N THR G 49 -25.29 -25.68 -7.51
CA THR G 49 -26.58 -25.29 -6.94
C THR G 49 -27.45 -26.51 -6.66
N ALA G 50 -27.41 -27.50 -7.56
CA ALA G 50 -28.20 -28.71 -7.35
C ALA G 50 -27.75 -29.45 -6.11
N GLU G 51 -26.45 -29.57 -5.89
CA GLU G 51 -25.96 -30.25 -4.69
C GLU G 51 -26.43 -29.53 -3.43
N ILE G 52 -26.25 -28.21 -3.39
CA ILE G 52 -26.63 -27.46 -2.19
C ILE G 52 -28.13 -27.55 -1.95
N LEU G 53 -28.92 -27.45 -3.02
CA LEU G 53 -30.37 -27.52 -2.88
C LEU G 53 -30.83 -28.89 -2.41
N GLU G 54 -30.20 -29.96 -2.91
CA GLU G 54 -30.56 -31.29 -2.47
C GLU G 54 -30.30 -31.47 -0.98
N LEU G 55 -29.12 -31.03 -0.52
CA LEU G 55 -28.81 -31.15 0.90
C LEU G 55 -29.77 -30.31 1.75
N ALA G 56 -30.06 -29.09 1.30
CA ALA G 56 -30.98 -28.23 2.06
C ALA G 56 -32.38 -28.83 2.11
N GLY G 57 -32.85 -29.40 1.00
CA GLY G 57 -34.15 -30.03 0.99
C GLY G 57 -34.22 -31.21 1.94
N ASN G 58 -33.16 -32.03 1.96
CA ASN G 58 -33.12 -33.13 2.92
C ASN G 58 -33.18 -32.62 4.35
N ALA G 59 -32.41 -31.57 4.65
CA ALA G 59 -32.41 -31.02 6.01
C ALA G 59 -33.78 -30.49 6.40
N ALA G 60 -34.45 -29.79 5.46
CA ALA G 60 -35.79 -29.29 5.73
C ALA G 60 -36.78 -30.42 5.93
N ARG G 61 -36.69 -31.47 5.12
CA ARG G 61 -37.60 -32.60 5.25
C ARG G 61 -37.43 -33.27 6.60
N ASP G 62 -36.20 -33.42 7.07
CA ASP G 62 -35.97 -33.99 8.40
C ASP G 62 -36.52 -33.11 9.51
N ASN G 63 -36.83 -31.85 9.23
CA ASN G 63 -37.34 -30.92 10.22
C ASN G 63 -38.85 -30.73 10.13
N LYS G 64 -39.54 -31.54 9.32
CA LYS G 64 -40.99 -31.49 9.19
C LYS G 64 -41.47 -30.13 8.67
N LYS G 65 -40.85 -29.68 7.59
CA LYS G 65 -41.23 -28.44 6.93
C LYS G 65 -41.07 -28.61 5.42
N THR G 66 -41.78 -27.78 4.67
CA THR G 66 -41.76 -27.83 3.21
C THR G 66 -41.29 -26.53 2.58
N ARG G 67 -40.61 -25.68 3.35
CA ARG G 67 -40.12 -24.40 2.86
C ARG G 67 -38.67 -24.23 3.28
N ILE G 68 -37.77 -24.13 2.30
CA ILE G 68 -36.36 -23.96 2.60
C ILE G 68 -36.14 -22.60 3.25
N ILE G 69 -35.42 -22.59 4.36
CA ILE G 69 -35.12 -21.36 5.09
C ILE G 69 -33.62 -21.31 5.34
N PRO G 70 -33.07 -20.13 5.59
CA PRO G 70 -31.60 -20.01 5.74
C PRO G 70 -31.02 -20.91 6.82
N ARG G 71 -31.79 -21.22 7.87
CA ARG G 71 -31.30 -22.15 8.88
C ARG G 71 -31.03 -23.52 8.26
N HIS G 72 -31.93 -23.99 7.40
CA HIS G 72 -31.71 -25.28 6.73
C HIS G 72 -30.52 -25.21 5.81
N LEU G 73 -30.31 -24.07 5.13
CA LEU G 73 -29.13 -23.91 4.28
C LEU G 73 -27.85 -24.00 5.09
N GLN G 74 -27.81 -23.33 6.25
CA GLN G 74 -26.63 -23.39 7.09
C GLN G 74 -26.39 -24.80 7.61
N LEU G 75 -27.45 -25.50 8.00
CA LEU G 75 -27.29 -26.88 8.45
C LEU G 75 -26.73 -27.75 7.33
N ALA G 76 -27.27 -27.60 6.12
CA ALA G 76 -26.82 -28.41 4.99
C ALA G 76 -25.36 -28.13 4.66
N ILE G 77 -24.96 -26.86 4.67
CA ILE G 77 -23.59 -26.51 4.34
C ILE G 77 -22.63 -27.00 5.41
N ARG G 78 -22.96 -26.76 6.69
CA ARG G 78 -22.03 -27.09 7.77
C ARG G 78 -21.90 -28.59 7.95
N ASN G 79 -23.01 -29.33 7.86
CA ASN G 79 -22.94 -30.76 8.14
C ASN G 79 -22.14 -31.52 7.10
N ASP G 80 -22.15 -31.05 5.85
CA ASP G 80 -21.33 -31.67 4.83
C ASP G 80 -19.86 -31.36 5.06
N GLU G 81 -18.99 -32.09 4.37
CA GLU G 81 -17.54 -31.94 4.54
C GLU G 81 -16.89 -31.15 3.42
N GLU G 82 -17.26 -31.40 2.16
CA GLU G 82 -16.68 -30.65 1.05
C GLU G 82 -17.23 -29.24 1.00
N LEU G 83 -18.56 -29.09 1.14
CA LEU G 83 -19.17 -27.77 1.06
C LEU G 83 -18.79 -26.91 2.26
N ASN G 84 -18.49 -27.53 3.40
CA ASN G 84 -17.97 -26.77 4.53
C ASN G 84 -16.62 -26.16 4.21
N LYS G 85 -15.76 -26.92 3.52
CA LYS G 85 -14.44 -26.40 3.16
C LYS G 85 -14.55 -25.33 2.08
N LEU G 86 -15.43 -25.53 1.10
CA LEU G 86 -15.55 -24.56 0.02
C LEU G 86 -16.07 -23.22 0.54
N LEU G 87 -17.04 -23.24 1.45
CA LEU G 87 -17.66 -22.04 1.98
C LEU G 87 -17.26 -21.79 3.43
N GLY G 88 -15.99 -22.01 3.75
CA GLY G 88 -15.53 -21.87 5.12
C GLY G 88 -15.39 -20.44 5.61
N ARG G 89 -15.50 -19.45 4.72
CA ARG G 89 -15.35 -18.05 5.11
C ARG G 89 -16.65 -17.27 5.08
N VAL G 90 -17.68 -17.74 4.38
CA VAL G 90 -18.91 -16.98 4.23
C VAL G 90 -19.71 -17.02 5.54
N THR G 91 -20.60 -16.04 5.68
CA THR G 91 -21.49 -15.95 6.84
C THR G 91 -22.93 -15.88 6.33
N ILE G 92 -23.68 -16.96 6.53
CA ILE G 92 -25.08 -16.99 6.13
C ILE G 92 -25.90 -16.21 7.13
N ALA G 93 -26.68 -15.25 6.64
CA ALA G 93 -27.55 -14.48 7.51
C ALA G 93 -28.65 -15.36 8.08
N GLN G 94 -28.92 -15.19 9.39
CA GLN G 94 -29.93 -15.97 10.10
C GLN G 94 -29.65 -17.46 10.03
N GLY G 95 -28.37 -17.84 9.96
CA GLY G 95 -28.02 -19.25 9.82
C GLY G 95 -27.78 -19.96 11.13
N GLY G 96 -27.58 -19.21 12.22
CA GLY G 96 -27.30 -19.87 13.47
C GLY G 96 -25.94 -20.57 13.44
N VAL G 97 -25.79 -21.52 14.35
CA VAL G 97 -24.60 -22.36 14.43
C VAL G 97 -25.01 -23.80 14.63
N LEU G 98 -24.08 -24.71 14.40
CA LEU G 98 -24.31 -26.11 14.68
C LEU G 98 -24.42 -26.33 16.18
N PRO G 99 -25.21 -27.33 16.61
CA PRO G 99 -25.30 -27.63 18.05
C PRO G 99 -24.17 -28.53 18.50
N ASN G 100 -23.35 -28.03 19.42
CA ASN G 100 -22.28 -28.83 20.01
C ASN G 100 -21.96 -28.32 21.40
N ILE G 101 -21.72 -29.24 22.32
CA ILE G 101 -21.27 -28.93 23.67
C ILE G 101 -20.01 -29.74 23.93
N GLN G 102 -18.97 -29.08 24.43
CA GLN G 102 -17.71 -29.78 24.69
C GLN G 102 -17.92 -30.91 25.69
N ALA G 103 -17.19 -32.01 25.48
CA ALA G 103 -17.37 -33.18 26.33
C ALA G 103 -17.00 -32.90 27.77
N VAL G 104 -16.06 -32.00 28.00
CA VAL G 104 -15.63 -31.68 29.36
C VAL G 104 -16.76 -31.03 30.15
N LEU G 105 -17.50 -30.12 29.52
CA LEU G 105 -18.49 -29.34 30.24
C LEU G 105 -19.71 -30.15 30.65
N LEU G 106 -19.89 -31.35 30.10
CA LEU G 106 -21.05 -32.16 30.45
C LEU G 106 -20.97 -32.58 31.91
N PRO G 107 -22.11 -32.77 32.57
CA PRO G 107 -22.10 -33.07 34.01
C PRO G 107 -21.45 -34.41 34.31
N LYS G 108 -20.83 -34.48 35.48
CA LYS G 108 -20.21 -35.72 35.94
C LYS G 108 -21.28 -36.72 36.36
N LYS G 109 -20.87 -37.98 36.46
CA LYS G 109 -21.78 -39.05 36.86
C LYS G 109 -21.99 -39.08 38.37
N ARG H 36 -38.89 3.04 -13.87
CA ARG H 36 -38.23 1.98 -13.12
C ARG H 36 -37.09 1.38 -13.92
N SER H 37 -36.36 0.43 -13.31
CA SER H 37 -35.24 -0.23 -13.95
C SER H 37 -35.34 -1.73 -13.72
N ARG H 38 -34.79 -2.50 -14.64
CA ARG H 38 -34.83 -3.96 -14.59
C ARG H 38 -33.50 -4.47 -14.04
N LYS H 39 -33.57 -5.24 -12.96
CA LYS H 39 -32.40 -5.86 -12.36
C LYS H 39 -32.47 -7.37 -12.57
N GLU H 40 -31.33 -7.96 -12.94
CA GLU H 40 -31.28 -9.36 -13.30
C GLU H 40 -30.89 -10.22 -12.09
N SER H 41 -31.37 -11.46 -12.09
CA SER H 41 -31.08 -12.40 -11.02
C SER H 41 -31.30 -13.81 -11.55
N TYR H 42 -30.85 -14.78 -10.75
CA TYR H 42 -30.92 -16.20 -11.11
C TYR H 42 -32.12 -16.90 -10.49
N SER H 43 -33.24 -16.18 -10.31
CA SER H 43 -34.36 -16.73 -9.56
C SER H 43 -35.01 -17.90 -10.29
N ILE H 44 -35.36 -17.71 -11.55
CA ILE H 44 -36.12 -18.73 -12.27
C ILE H 44 -35.30 -20.00 -12.42
N TYR H 45 -34.01 -19.87 -12.73
CA TYR H 45 -33.17 -21.04 -12.95
C TYR H 45 -33.00 -21.85 -11.67
N VAL H 46 -32.74 -21.18 -10.55
CA VAL H 46 -32.59 -21.88 -9.28
C VAL H 46 -33.89 -22.56 -8.90
N TYR H 47 -35.02 -21.88 -9.11
CA TYR H 47 -36.31 -22.50 -8.80
C TYR H 47 -36.55 -23.72 -9.68
N LYS H 48 -36.18 -23.65 -10.95
CA LYS H 48 -36.32 -24.80 -11.84
C LYS H 48 -35.49 -25.97 -11.37
N VAL H 49 -34.25 -25.70 -10.95
CA VAL H 49 -33.39 -26.78 -10.45
C VAL H 49 -33.99 -27.37 -9.18
N LEU H 50 -34.51 -26.53 -8.30
CA LEU H 50 -35.12 -27.02 -7.07
C LEU H 50 -36.32 -27.93 -7.37
N LYS H 51 -37.17 -27.52 -8.30
CA LYS H 51 -38.29 -28.38 -8.68
C LYS H 51 -37.80 -29.65 -9.38
N GLN H 52 -36.64 -29.57 -10.04
CA GLN H 52 -36.09 -30.76 -10.68
C GLN H 52 -35.47 -31.73 -9.69
N VAL H 53 -35.11 -31.28 -8.49
CA VAL H 53 -34.48 -32.16 -7.51
C VAL H 53 -35.48 -32.54 -6.42
N HIS H 54 -36.43 -31.66 -6.13
CA HIS H 54 -37.46 -31.91 -5.11
C HIS H 54 -38.79 -31.36 -5.61
N PRO H 55 -39.69 -32.22 -6.08
CA PRO H 55 -40.93 -31.72 -6.71
C PRO H 55 -41.92 -31.08 -5.75
N ASP H 56 -41.72 -31.18 -4.44
CA ASP H 56 -42.72 -30.71 -3.48
C ASP H 56 -42.26 -29.55 -2.63
N THR H 57 -40.99 -29.50 -2.25
CA THR H 57 -40.52 -28.46 -1.34
C THR H 57 -40.50 -27.10 -2.02
N GLY H 58 -40.69 -26.05 -1.23
CA GLY H 58 -40.62 -24.69 -1.70
C GLY H 58 -39.47 -23.95 -1.05
N ILE H 59 -39.19 -22.74 -1.55
CA ILE H 59 -38.07 -21.93 -1.09
C ILE H 59 -38.59 -20.53 -0.79
N SER H 60 -38.14 -19.97 0.34
CA SER H 60 -38.58 -18.65 0.75
C SER H 60 -37.76 -17.58 0.05
N SER H 61 -38.00 -16.31 0.42
CA SER H 61 -37.31 -15.21 -0.22
C SER H 61 -35.86 -15.09 0.26
N LYS H 62 -35.65 -15.25 1.57
CA LYS H 62 -34.30 -15.10 2.10
C LYS H 62 -33.35 -16.14 1.55
N ALA H 63 -33.80 -17.41 1.51
CA ALA H 63 -32.98 -18.45 0.90
C ALA H 63 -32.75 -18.16 -0.57
N MET H 64 -33.70 -17.50 -1.23
CA MET H 64 -33.55 -17.20 -2.64
C MET H 64 -32.44 -16.18 -2.86
N GLY H 65 -32.43 -15.12 -2.05
CA GLY H 65 -31.36 -14.15 -2.12
C GLY H 65 -30.01 -14.75 -1.75
N ILE H 66 -30.02 -15.66 -0.78
CA ILE H 66 -28.77 -16.34 -0.40
C ILE H 66 -28.23 -17.14 -1.57
N MET H 67 -29.11 -17.86 -2.27
CA MET H 67 -28.67 -18.64 -3.42
C MET H 67 -28.15 -17.74 -4.53
N ASN H 68 -28.82 -16.61 -4.77
CA ASN H 68 -28.32 -15.66 -5.77
C ASN H 68 -26.92 -15.18 -5.42
N SER H 69 -26.71 -14.82 -4.15
CA SER H 69 -25.39 -14.35 -3.73
C SER H 69 -24.34 -15.44 -3.89
N PHE H 70 -24.69 -16.68 -3.54
CA PHE H 70 -23.74 -17.78 -3.67
C PHE H 70 -23.36 -17.99 -5.13
N VAL H 71 -24.35 -17.97 -6.03
CA VAL H 71 -24.06 -18.17 -7.45
C VAL H 71 -23.15 -17.07 -7.97
N ASN H 72 -23.45 -15.82 -7.60
CA ASN H 72 -22.61 -14.71 -8.06
C ASN H 72 -21.19 -14.84 -7.53
N ASP H 73 -21.04 -15.22 -6.27
CA ASP H 73 -19.70 -15.33 -5.68
C ASP H 73 -18.89 -16.42 -6.36
N ILE H 74 -19.50 -17.59 -6.59
CA ILE H 74 -18.78 -18.68 -7.23
C ILE H 74 -18.42 -18.29 -8.66
N PHE H 75 -19.34 -17.64 -9.36
CA PHE H 75 -19.06 -17.18 -10.72
C PHE H 75 -17.87 -16.23 -10.75
N GLU H 76 -17.84 -15.27 -9.83
CA GLU H 76 -16.73 -14.32 -9.81
C GLU H 76 -15.42 -15.02 -9.53
N ARG H 77 -15.42 -15.94 -8.56
CA ARG H 77 -14.19 -16.67 -8.25
C ARG H 77 -13.66 -17.42 -9.45
N ILE H 78 -14.52 -18.22 -10.09
CA ILE H 78 -14.07 -19.06 -11.20
C ILE H 78 -13.62 -18.20 -12.37
N ALA H 79 -14.39 -17.17 -12.71
CA ALA H 79 -14.04 -16.34 -13.86
C ALA H 79 -12.74 -15.59 -13.61
N GLY H 80 -12.55 -15.05 -12.41
CA GLY H 80 -11.30 -14.36 -12.11
C GLY H 80 -10.10 -15.27 -12.18
N GLU H 81 -10.22 -16.47 -11.61
CA GLU H 81 -9.10 -17.41 -11.67
C GLU H 81 -8.80 -17.80 -13.11
N ALA H 82 -9.84 -18.03 -13.92
CA ALA H 82 -9.61 -18.38 -15.32
C ALA H 82 -8.94 -17.24 -16.08
N SER H 83 -9.37 -16.00 -15.81
CA SER H 83 -8.76 -14.86 -16.47
C SER H 83 -7.29 -14.74 -16.12
N ARG H 84 -6.97 -14.89 -14.83
CA ARG H 84 -5.56 -14.86 -14.43
C ARG H 84 -4.77 -15.95 -15.14
N LEU H 85 -5.24 -17.19 -15.03
CA LEU H 85 -4.54 -18.31 -15.64
C LEU H 85 -4.31 -18.11 -17.13
N ALA H 86 -5.31 -17.54 -17.83
CA ALA H 86 -5.13 -17.24 -19.24
C ALA H 86 -4.08 -16.18 -19.45
N HIS H 87 -4.02 -15.19 -18.56
CA HIS H 87 -3.02 -14.14 -18.69
C HIS H 87 -1.61 -14.65 -18.44
N TYR H 88 -1.46 -15.70 -17.66
CA TYR H 88 -0.12 -16.14 -17.29
C TYR H 88 0.64 -16.66 -18.51
N ASN H 89 -0.03 -17.45 -19.34
CA ASN H 89 0.58 -18.09 -20.50
C ASN H 89 0.67 -17.18 -21.72
N LYS H 90 0.51 -15.88 -21.54
CA LYS H 90 0.53 -14.91 -22.64
C LYS H 90 -0.52 -15.25 -23.69
N ARG H 91 -1.70 -15.67 -23.24
CA ARG H 91 -2.84 -15.87 -24.10
C ARG H 91 -3.77 -14.66 -24.04
N SER H 92 -4.82 -14.69 -24.85
CA SER H 92 -5.76 -13.58 -24.90
C SER H 92 -7.21 -14.04 -24.94
N THR H 93 -7.48 -15.34 -24.82
CA THR H 93 -8.84 -15.86 -24.88
C THR H 93 -9.05 -16.86 -23.75
N ILE H 94 -10.31 -17.02 -23.35
CA ILE H 94 -10.70 -17.95 -22.31
C ILE H 94 -11.42 -19.10 -23.00
N THR H 95 -10.69 -20.18 -23.29
CA THR H 95 -11.30 -21.36 -23.87
C THR H 95 -11.93 -22.19 -22.75
N SER H 96 -12.39 -23.40 -23.07
CA SER H 96 -12.99 -24.25 -22.06
C SER H 96 -11.96 -24.77 -21.08
N ARG H 97 -10.74 -25.05 -21.54
CA ARG H 97 -9.76 -25.68 -20.68
C ARG H 97 -9.29 -24.74 -19.57
N GLU H 98 -9.29 -23.43 -19.81
CA GLU H 98 -9.00 -22.50 -18.72
C GLU H 98 -10.03 -22.62 -17.60
N ILE H 99 -11.32 -22.69 -17.97
CA ILE H 99 -12.35 -22.85 -16.94
C ILE H 99 -12.20 -24.19 -16.26
N GLN H 100 -11.85 -25.24 -17.01
CA GLN H 100 -11.68 -26.56 -16.40
C GLN H 100 -10.55 -26.54 -15.38
N THR H 101 -9.43 -25.93 -15.73
CA THR H 101 -8.31 -25.87 -14.80
C THR H 101 -8.62 -24.98 -13.60
N ALA H 102 -9.37 -23.90 -13.81
CA ALA H 102 -9.79 -23.07 -12.68
C ALA H 102 -10.69 -23.86 -11.73
N VAL H 103 -11.60 -24.67 -12.28
CA VAL H 103 -12.44 -25.52 -11.44
C VAL H 103 -11.59 -26.53 -10.68
N ARG H 104 -10.58 -27.10 -11.34
CA ARG H 104 -9.68 -28.01 -10.63
C ARG H 104 -8.96 -27.30 -9.49
N LEU H 105 -8.52 -26.07 -9.71
CA LEU H 105 -7.82 -25.33 -8.67
C LEU H 105 -8.73 -25.01 -7.49
N LEU H 106 -9.96 -24.55 -7.76
CA LEU H 106 -10.78 -23.97 -6.71
C LEU H 106 -11.46 -25.04 -5.86
N LEU H 107 -12.32 -25.86 -6.46
CA LEU H 107 -13.15 -26.77 -5.70
C LEU H 107 -12.33 -27.91 -5.11
N PRO H 108 -12.70 -28.41 -3.93
CA PRO H 108 -12.03 -29.57 -3.36
C PRO H 108 -12.28 -30.82 -4.18
N GLY H 109 -11.58 -31.90 -3.79
CA GLY H 109 -11.41 -33.09 -4.61
C GLY H 109 -12.64 -33.69 -5.27
N GLU H 110 -13.54 -34.27 -4.47
CA GLU H 110 -14.68 -34.98 -5.04
C GLU H 110 -15.58 -34.03 -5.84
N LEU H 111 -15.85 -32.85 -5.30
CA LEU H 111 -16.65 -31.88 -6.05
C LEU H 111 -15.94 -31.45 -7.32
N ALA H 112 -14.61 -31.30 -7.26
CA ALA H 112 -13.87 -30.94 -8.46
C ALA H 112 -14.03 -31.99 -9.55
N LYS H 113 -13.87 -33.27 -9.18
CA LYS H 113 -14.00 -34.34 -10.16
CA LYS H 113 -14.00 -34.34 -10.16
C LYS H 113 -15.41 -34.38 -10.74
N HIS H 114 -16.42 -34.29 -9.89
CA HIS H 114 -17.80 -34.35 -10.38
C HIS H 114 -18.12 -33.17 -11.28
N ALA H 115 -17.70 -31.97 -10.90
CA ALA H 115 -17.99 -30.79 -11.70
C ALA H 115 -17.26 -30.84 -13.04
N VAL H 116 -16.01 -31.31 -13.04
CA VAL H 116 -15.27 -31.44 -14.29
C VAL H 116 -15.97 -32.44 -15.21
N SER H 117 -16.41 -33.57 -14.66
CA SER H 117 -17.12 -34.54 -15.48
C SER H 117 -18.40 -33.95 -16.05
N GLU H 118 -19.16 -33.24 -15.22
CA GLU H 118 -20.41 -32.64 -15.69
C GLU H 118 -20.17 -31.61 -16.78
N GLY H 119 -19.16 -30.76 -16.60
CA GLY H 119 -18.84 -29.79 -17.63
C GLY H 119 -18.38 -30.43 -18.93
N THR H 120 -17.57 -31.47 -18.84
CA THR H 120 -17.14 -32.18 -20.03
C THR H 120 -18.33 -32.77 -20.78
N LYS H 121 -19.26 -33.38 -20.04
CA LYS H 121 -20.46 -33.92 -20.68
CA LYS H 121 -20.45 -33.93 -20.68
C LYS H 121 -21.28 -32.83 -21.33
N ALA H 122 -21.43 -31.69 -20.66
CA ALA H 122 -22.21 -30.60 -21.22
C ALA H 122 -21.60 -30.06 -22.50
N VAL H 123 -20.27 -29.85 -22.50
CA VAL H 123 -19.63 -29.31 -23.69
C VAL H 123 -19.66 -30.31 -24.83
N THR H 124 -19.50 -31.60 -24.52
CA THR H 124 -19.58 -32.62 -25.57
C THR H 124 -20.98 -32.65 -26.17
N LYS H 125 -22.01 -32.57 -25.34
CA LYS H 125 -23.38 -32.54 -25.87
C LYS H 125 -23.61 -31.29 -26.72
N TYR H 126 -23.11 -30.15 -26.27
CA TYR H 126 -23.30 -28.91 -27.01
C TYR H 126 -22.61 -28.93 -28.36
N THR H 127 -21.36 -29.35 -28.41
CA THR H 127 -20.57 -29.20 -29.63
C THR H 127 -21.07 -30.09 -30.76
N SER H 128 -21.86 -31.13 -30.46
CA SER H 128 -22.42 -32.02 -31.48
C SER H 128 -23.92 -32.08 -31.25
N ALA K 17 23.75 30.84 27.58
CA ALA K 17 22.86 29.85 28.15
C ALA K 17 21.43 30.05 27.65
N ILE K 18 21.08 31.30 27.37
CA ILE K 18 19.76 31.66 26.89
C ILE K 18 19.89 32.31 25.52
N PRO K 19 19.33 31.71 24.47
CA PRO K 19 19.36 32.38 23.16
C PRO K 19 18.50 33.63 23.15
N SER K 20 18.90 34.60 22.34
CA SER K 20 18.18 35.85 22.21
C SER K 20 17.11 35.73 21.13
N LEU K 21 16.34 36.80 20.95
CA LEU K 21 15.30 36.80 19.92
C LEU K 21 15.90 36.80 18.52
N SER K 22 17.12 37.31 18.37
CA SER K 22 17.75 37.37 17.06
C SER K 22 17.97 35.98 16.48
N GLU K 23 18.40 35.03 17.30
CA GLU K 23 18.58 33.66 16.88
C GLU K 23 17.33 32.81 17.07
N CYS K 24 16.26 33.38 17.61
CA CYS K 24 15.04 32.64 17.90
C CYS K 24 14.05 32.65 16.74
N GLN K 25 14.32 33.41 15.69
CA GLN K 25 13.37 33.52 14.58
C GLN K 25 13.50 32.34 13.64
N CYS K 26 12.40 32.04 12.94
CA CYS K 26 12.39 30.96 11.96
C CYS K 26 13.35 31.26 10.82
N GLY K 27 14.12 30.24 10.42
CA GLY K 27 15.03 30.40 9.31
C GLY K 27 14.36 30.47 7.95
N ILE K 28 13.08 30.13 7.88
CA ILE K 28 12.31 30.21 6.64
C ILE K 28 11.20 31.24 6.71
N CYS K 29 10.70 31.58 7.89
CA CYS K 29 9.63 32.56 8.04
C CYS K 29 10.12 33.91 8.55
N MET K 30 11.33 33.97 9.13
CA MET K 30 11.88 35.21 9.69
C MET K 30 10.92 35.84 10.69
N GLU K 31 10.27 35.00 11.50
CA GLU K 31 9.40 35.45 12.56
C GLU K 31 9.70 34.65 13.81
N ILE K 32 9.25 35.15 14.95
CA ILE K 32 9.47 34.46 16.22
C ILE K 32 8.88 33.06 16.13
N LEU K 33 9.64 32.07 16.61
CA LEU K 33 9.25 30.68 16.45
C LEU K 33 7.99 30.39 17.25
N VAL K 34 7.00 29.79 16.60
CA VAL K 34 5.73 29.45 17.23
C VAL K 34 5.54 27.94 17.11
N GLU K 35 5.40 27.28 18.25
CA GLU K 35 5.29 25.83 18.33
C GLU K 35 6.43 25.15 17.58
N PRO K 36 7.66 25.23 18.10
CA PRO K 36 8.80 24.65 17.39
C PRO K 36 8.74 23.14 17.36
N VAL K 37 9.35 22.56 16.32
CA VAL K 37 9.54 21.13 16.20
C VAL K 37 10.99 20.88 15.81
N THR K 38 11.59 19.85 16.40
CA THR K 38 13.00 19.53 16.21
C THR K 38 13.13 18.33 15.28
N LEU K 39 13.87 18.50 14.19
CA LEU K 39 14.11 17.44 13.23
C LEU K 39 15.18 16.48 13.77
N PRO K 40 15.27 15.27 13.20
CA PRO K 40 16.36 14.36 13.60
C PRO K 40 17.74 14.95 13.40
N CYS K 41 17.90 15.85 12.42
CA CYS K 41 19.17 16.53 12.18
C CYS K 41 19.41 17.69 13.14
N ASN K 42 18.65 17.75 14.24
CA ASN K 42 18.77 18.82 15.23
C ASN K 42 18.55 20.19 14.58
N HIS K 43 17.48 20.28 13.78
CA HIS K 43 17.07 21.53 13.15
C HIS K 43 15.67 21.87 13.62
N THR K 44 15.47 23.12 14.01
CA THR K 44 14.21 23.57 14.59
C THR K 44 13.42 24.37 13.56
N LEU K 45 12.12 24.07 13.46
CA LEU K 45 11.26 24.78 12.53
C LEU K 45 9.90 25.03 13.17
N CYS K 46 9.25 26.12 12.76
CA CYS K 46 7.93 26.44 13.28
C CYS K 46 6.90 25.46 12.76
N LYS K 47 5.84 25.27 13.54
CA LYS K 47 4.82 24.28 13.19
C LYS K 47 4.11 24.59 11.87
N PRO K 48 3.58 25.79 11.63
CA PRO K 48 2.98 26.06 10.31
C PRO K 48 3.97 25.94 9.17
N CYS K 49 5.22 26.33 9.41
CA CYS K 49 6.26 26.16 8.39
C CYS K 49 6.46 24.68 8.07
N PHE K 50 6.51 23.83 9.10
CA PHE K 50 6.66 22.41 8.89
C PHE K 50 5.47 21.82 8.14
N GLN K 51 4.25 22.24 8.51
CA GLN K 51 3.06 21.74 7.82
C GLN K 51 3.06 22.15 6.34
N SER K 52 3.43 23.40 6.06
CA SER K 52 3.47 23.85 4.67
C SER K 52 4.53 23.08 3.89
N THR K 53 5.70 22.84 4.50
CA THR K 53 6.74 22.08 3.81
C THR K 53 6.28 20.66 3.52
N VAL K 54 5.66 20.00 4.50
CA VAL K 54 5.24 18.62 4.29
C VAL K 54 4.10 18.54 3.28
N GLU K 55 3.26 19.57 3.21
CA GLU K 55 2.14 19.54 2.27
C GLU K 55 2.58 19.85 0.84
N LYS K 56 3.50 20.80 0.66
CA LYS K 56 3.82 21.28 -0.68
C LYS K 56 5.26 21.06 -1.12
N ALA K 57 6.23 21.00 -0.21
CA ALA K 57 7.62 20.88 -0.60
C ALA K 57 7.93 19.43 -0.95
N SER K 58 9.21 19.13 -1.13
CA SER K 58 9.67 17.82 -1.60
C SER K 58 9.83 16.80 -0.48
N LEU K 59 9.22 17.05 0.69
CA LEU K 59 9.28 16.12 1.82
C LEU K 59 10.72 15.80 2.22
N CYS K 60 11.55 16.84 2.28
CA CYS K 60 12.93 16.69 2.71
C CYS K 60 13.31 17.89 3.57
N CYS K 61 14.34 17.71 4.37
CA CYS K 61 14.84 18.82 5.19
C CYS K 61 15.37 19.93 4.30
N PRO K 62 14.91 21.17 4.48
CA PRO K 62 15.44 22.26 3.65
C PRO K 62 16.94 22.47 3.79
N PHE K 63 17.48 22.20 4.98
CA PHE K 63 18.89 22.49 5.23
C PHE K 63 19.78 21.31 4.88
N CYS K 64 19.33 20.09 5.14
CA CYS K 64 20.17 18.91 4.99
C CYS K 64 19.76 18.01 3.82
N ARG K 65 18.59 18.22 3.23
CA ARG K 65 18.12 17.43 2.10
C ARG K 65 18.08 15.94 2.41
N ARG K 66 17.63 15.60 3.62
CA ARG K 66 17.46 14.22 4.05
C ARG K 66 16.01 13.95 4.37
N ARG K 67 15.51 12.80 3.93
CA ARG K 67 14.10 12.48 4.11
C ARG K 67 13.77 12.29 5.58
N VAL K 68 12.60 12.81 5.98
CA VAL K 68 12.12 12.71 7.35
C VAL K 68 10.76 12.00 7.39
N SER K 69 10.41 11.31 6.30
CA SER K 69 9.11 10.66 6.23
C SER K 69 8.97 9.58 7.29
N SER K 70 10.02 8.79 7.52
CA SER K 70 9.97 7.76 8.55
C SER K 70 9.76 8.38 9.93
N TRP K 71 10.56 9.40 10.26
CA TRP K 71 10.44 10.07 11.54
C TRP K 71 9.08 10.74 11.67
N THR K 72 8.61 11.38 10.59
CA THR K 72 7.31 12.04 10.62
C THR K 72 6.20 11.04 10.91
N ARG K 73 6.22 9.90 10.23
CA ARG K 73 5.20 8.88 10.47
C ARG K 73 5.29 8.34 11.89
N TYR K 74 6.50 8.10 12.38
CA TYR K 74 6.66 7.55 13.72
C TYR K 74 6.16 8.51 14.78
N HIS K 75 6.40 9.80 14.60
CA HIS K 75 6.05 10.79 15.62
C HIS K 75 4.65 11.36 15.45
N THR K 76 4.00 11.15 14.31
CA THR K 76 2.65 11.69 14.13
C THR K 76 1.62 10.93 14.94
N ARG K 77 1.71 9.59 14.96
CA ARG K 77 0.70 8.79 15.63
C ARG K 77 0.70 9.05 17.13
N ARG K 78 1.88 9.20 17.73
CA ARG K 78 2.00 9.46 19.16
C ARG K 78 1.98 10.95 19.48
N ASN K 79 1.79 11.82 18.48
CA ASN K 79 1.79 13.27 18.66
C ASN K 79 3.09 13.73 19.33
N SER K 80 4.21 13.19 18.85
CA SER K 80 5.52 13.49 19.40
C SER K 80 6.28 14.53 18.59
N LEU K 81 5.60 15.24 17.68
CA LEU K 81 6.25 16.27 16.90
C LEU K 81 6.73 17.42 17.77
N VAL K 82 5.94 17.78 18.78
CA VAL K 82 6.22 18.98 19.57
C VAL K 82 7.49 18.79 20.40
N ASN K 83 8.16 19.90 20.69
CA ASN K 83 9.34 19.92 21.55
C ASN K 83 9.00 20.80 22.76
N VAL K 84 8.92 20.19 23.93
CA VAL K 84 8.43 20.90 25.11
C VAL K 84 9.46 21.93 25.59
N GLU K 85 10.74 21.60 25.53
CA GLU K 85 11.76 22.48 26.10
C GLU K 85 11.83 23.81 25.38
N LEU K 86 11.99 23.77 24.05
CA LEU K 86 12.12 25.01 23.28
C LEU K 86 10.82 25.81 23.30
N TRP K 87 9.68 25.12 23.22
CA TRP K 87 8.39 25.81 23.26
C TRP K 87 8.21 26.53 24.59
N THR K 88 8.55 25.86 25.70
CA THR K 88 8.44 26.51 27.01
C THR K 88 9.41 27.69 27.11
N ILE K 89 10.64 27.53 26.61
CA ILE K 89 11.62 28.60 26.68
C ILE K 89 11.11 29.83 25.92
N ILE K 90 10.58 29.61 24.71
CA ILE K 90 10.12 30.72 23.89
C ILE K 90 8.88 31.37 24.51
N GLN K 91 7.93 30.55 24.98
CA GLN K 91 6.70 31.11 25.53
C GLN K 91 6.95 31.85 26.84
N LYS K 92 8.01 31.50 27.58
CA LYS K 92 8.28 32.21 28.82
C LYS K 92 9.14 33.45 28.58
N HIS K 93 10.07 33.38 27.62
CA HIS K 93 10.95 34.51 27.37
C HIS K 93 10.22 35.65 26.70
N TYR K 94 9.38 35.35 25.71
CA TYR K 94 8.65 36.36 24.94
C TYR K 94 7.18 35.99 24.88
N PRO K 95 6.46 36.09 26.01
CA PRO K 95 5.01 35.82 25.97
C PRO K 95 4.26 36.78 25.07
N ARG K 96 4.70 38.04 24.98
CA ARG K 96 4.00 39.03 24.16
C ARG K 96 4.04 38.64 22.68
N GLU K 97 5.20 38.18 22.19
CA GLU K 97 5.30 37.77 20.79
C GLU K 97 4.39 36.61 20.47
N CYS K 98 4.32 35.62 21.37
CA CYS K 98 3.42 34.49 21.16
C CYS K 98 1.96 34.92 21.20
N LYS K 99 1.62 35.82 22.13
CA LYS K 99 0.22 36.21 22.29
C LYS K 99 -0.26 37.07 21.13
N LEU K 100 0.60 37.94 20.59
CA LEU K 100 0.17 38.82 19.52
C LEU K 100 -0.09 38.05 18.23
N ARG K 101 0.59 36.93 18.02
CA ARG K 101 0.39 36.13 16.83
C ARG K 101 -0.97 35.43 16.85
N HIS L 4 0.87 38.26 1.92
CA HIS L 4 0.90 38.06 3.37
C HIS L 4 2.33 37.82 3.84
N MET L 5 2.62 36.57 4.22
CA MET L 5 3.99 36.22 4.58
C MET L 5 4.92 36.34 3.38
N ALA L 6 4.41 36.06 2.19
CA ALA L 6 5.21 36.22 0.98
C ALA L 6 5.65 37.68 0.81
N LEU L 7 4.80 38.62 1.24
CA LEU L 7 5.19 40.03 1.19
C LEU L 7 6.44 40.29 2.04
N LYS L 8 6.46 39.75 3.26
CA LYS L 8 7.63 39.93 4.12
C LYS L 8 8.84 39.23 3.52
N ARG L 9 8.65 38.04 2.95
CA ARG L 9 9.77 37.34 2.33
C ARG L 9 10.36 38.14 1.18
N ILE L 10 9.50 38.73 0.33
CA ILE L 10 9.99 39.52 -0.79
C ILE L 10 10.65 40.80 -0.30
N ASN L 11 10.12 41.39 0.77
CA ASN L 11 10.76 42.57 1.34
C ASN L 11 12.16 42.24 1.83
N LYS L 12 12.33 41.12 2.53
CA LYS L 12 13.66 40.72 2.97
C LYS L 12 14.57 40.42 1.78
N GLU L 13 14.03 39.78 0.75
CA GLU L 13 14.84 39.46 -0.43
C GLU L 13 15.33 40.72 -1.12
N LEU L 14 14.45 41.70 -1.32
CA LEU L 14 14.88 42.94 -1.95
C LEU L 14 15.88 43.67 -1.06
N SER L 15 15.67 43.65 0.27
CA SER L 15 16.59 44.33 1.17
C SER L 15 17.97 43.71 1.12
N ASP L 16 18.07 42.38 1.16
CA ASP L 16 19.39 41.76 1.24
C ASP L 16 20.06 41.67 -0.13
N LEU L 17 19.28 41.75 -1.21
CA LEU L 17 19.88 41.98 -2.52
C LEU L 17 20.43 43.40 -2.63
N ALA L 18 19.72 44.37 -2.04
CA ALA L 18 20.17 45.76 -2.12
C ALA L 18 21.43 46.00 -1.30
N ARG L 19 21.46 45.51 -0.05
CA ARG L 19 22.61 45.78 0.81
C ARG L 19 23.87 45.11 0.29
N ASP L 20 23.74 43.89 -0.25
CA ASP L 20 24.88 43.14 -0.79
C ASP L 20 24.55 42.72 -2.21
N PRO L 21 24.72 43.62 -3.18
CA PRO L 21 24.46 43.26 -4.58
C PRO L 21 25.42 42.19 -5.05
N PRO L 22 24.92 41.18 -5.76
CA PRO L 22 25.81 40.15 -6.30
C PRO L 22 26.72 40.71 -7.38
N ALA L 23 27.91 40.13 -7.49
CA ALA L 23 28.85 40.53 -8.53
C ALA L 23 28.47 39.85 -9.85
N GLN L 24 28.50 40.62 -10.93
CA GLN L 24 28.27 40.19 -12.31
C GLN L 24 26.79 39.90 -12.58
N ILE L 25 25.93 39.95 -11.58
CA ILE L 25 24.49 39.74 -11.74
C ILE L 25 23.76 40.91 -11.09
N SER L 26 22.77 41.46 -11.78
CA SER L 26 21.97 42.54 -11.22
C SER L 26 20.49 42.22 -11.36
N ALA L 27 19.79 42.14 -10.23
CA ALA L 27 18.39 41.74 -10.20
C ALA L 27 17.55 42.81 -9.50
N GLY L 28 16.38 43.10 -10.07
CA GLY L 28 15.47 44.06 -9.47
C GLY L 28 14.08 43.99 -10.08
N PRO L 29 13.10 44.56 -9.40
CA PRO L 29 11.72 44.51 -9.92
C PRO L 29 11.40 45.61 -10.92
N VAL L 30 11.10 45.22 -12.17
CA VAL L 30 10.71 46.20 -13.17
C VAL L 30 9.34 46.79 -12.84
N GLY L 31 8.37 45.94 -12.51
CA GLY L 31 7.04 46.42 -12.20
C GLY L 31 6.95 47.03 -10.81
N ASP L 32 5.89 47.81 -10.61
CA ASP L 32 5.65 48.38 -9.28
C ASP L 32 5.34 47.29 -8.28
N ASP L 33 4.71 46.21 -8.72
CA ASP L 33 4.46 45.06 -7.85
C ASP L 33 5.76 44.30 -7.61
N MET L 34 5.79 43.56 -6.50
CA MET L 34 7.01 42.87 -6.11
C MET L 34 7.18 41.55 -6.85
N PHE L 35 6.08 40.98 -7.35
CA PHE L 35 6.14 39.66 -7.98
C PHE L 35 6.97 39.69 -9.25
N HIS L 36 6.78 40.70 -10.10
CA HIS L 36 7.53 40.78 -11.34
C HIS L 36 8.98 41.15 -11.05
N TRP L 37 9.91 40.55 -11.81
CA TRP L 37 11.32 40.75 -11.56
C TRP L 37 12.11 40.61 -12.86
N GLN L 38 13.28 41.23 -12.89
CA GLN L 38 14.19 41.20 -14.03
C GLN L 38 15.60 40.95 -13.51
N ALA L 39 16.39 40.20 -14.28
CA ALA L 39 17.77 39.92 -13.94
C ALA L 39 18.63 40.17 -15.16
N THR L 40 19.83 40.70 -14.95
CA THR L 40 20.81 40.89 -16.01
C THR L 40 22.06 40.12 -15.65
N ILE L 41 22.52 39.29 -16.58
CA ILE L 41 23.67 38.42 -16.40
C ILE L 41 24.69 38.70 -17.49
N MET L 42 25.96 38.78 -17.10
CA MET L 42 27.06 39.02 -18.02
C MET L 42 27.96 37.79 -18.00
N GLY L 43 28.38 37.34 -19.18
CA GLY L 43 29.05 36.06 -19.33
C GLY L 43 30.37 35.97 -18.62
N PRO L 44 30.71 34.76 -18.16
CA PRO L 44 31.99 34.58 -17.45
C PRO L 44 33.18 34.84 -18.36
N ASN L 45 34.30 35.21 -17.74
CA ASN L 45 35.48 35.58 -18.50
C ASN L 45 36.00 34.41 -19.34
N ASP L 46 36.03 33.21 -18.76
CA ASP L 46 36.49 32.02 -19.48
C ASP L 46 35.31 31.38 -20.20
N SER L 47 34.79 32.12 -21.18
CA SER L 47 33.61 31.68 -21.94
C SER L 47 33.60 32.43 -23.26
N PRO L 48 32.93 31.89 -24.28
CA PRO L 48 32.75 32.62 -25.54
C PRO L 48 31.60 33.62 -25.52
N TYR L 49 31.08 33.97 -24.35
CA TYR L 49 29.97 34.91 -24.22
C TYR L 49 30.43 36.33 -23.93
N GLN L 50 31.71 36.64 -24.15
CA GLN L 50 32.22 37.97 -23.86
C GLN L 50 31.54 39.00 -24.75
N GLY L 51 31.22 40.16 -24.17
CA GLY L 51 30.53 41.20 -24.88
C GLY L 51 29.03 41.04 -24.97
N GLY L 52 28.46 40.06 -24.30
CA GLY L 52 27.04 39.84 -24.34
C GLY L 52 26.38 39.84 -22.97
N VAL L 53 25.26 40.54 -22.86
CA VAL L 53 24.48 40.60 -21.62
C VAL L 53 23.11 39.99 -21.91
N PHE L 54 22.60 39.22 -20.96
CA PHE L 54 21.34 38.49 -21.14
C PHE L 54 20.35 38.91 -20.07
N PHE L 55 19.10 39.11 -20.49
CA PHE L 55 18.02 39.58 -19.63
C PHE L 55 17.08 38.41 -19.34
N LEU L 56 16.67 38.28 -18.08
CA LEU L 56 15.81 37.19 -17.62
C LEU L 56 14.60 37.79 -16.94
N THR L 57 13.40 37.36 -17.36
CA THR L 57 12.16 37.77 -16.73
C THR L 57 11.73 36.73 -15.71
N ILE L 58 11.28 37.18 -14.55
CA ILE L 58 10.92 36.31 -13.44
C ILE L 58 9.53 36.68 -12.95
N HIS L 59 8.68 35.67 -12.80
CA HIS L 59 7.34 35.81 -12.23
C HIS L 59 7.28 34.99 -10.96
N PHE L 60 6.78 35.61 -9.88
CA PHE L 60 6.78 34.92 -8.59
C PHE L 60 5.41 34.35 -8.30
N PRO L 61 5.33 33.12 -7.79
CA PRO L 61 4.03 32.55 -7.45
C PRO L 61 3.43 33.20 -6.21
N THR L 62 2.13 32.96 -6.02
CA THR L 62 1.43 33.52 -4.87
C THR L 62 1.98 32.96 -3.57
N ASP L 63 2.62 31.80 -3.61
CA ASP L 63 3.18 31.14 -2.44
C ASP L 63 4.67 30.95 -2.62
N TYR L 64 5.44 31.43 -1.64
CA TYR L 64 6.90 31.34 -1.68
C TYR L 64 7.41 30.94 -0.29
N PRO L 65 8.55 30.24 -0.20
CA PRO L 65 9.41 29.73 -1.28
C PRO L 65 9.11 28.29 -1.66
N PHE L 66 7.94 27.79 -1.26
CA PHE L 66 7.59 26.40 -1.51
C PHE L 66 7.43 26.13 -3.00
N LYS L 67 6.93 27.12 -3.76
CA LYS L 67 6.80 27.01 -5.20
C LYS L 67 7.87 27.85 -5.88
N PRO L 68 8.67 27.26 -6.76
CA PRO L 68 9.75 28.02 -7.41
C PRO L 68 9.21 29.10 -8.32
N PRO L 69 9.93 30.20 -8.50
CA PRO L 69 9.46 31.26 -9.39
C PRO L 69 9.77 30.92 -10.84
N LYS L 70 8.83 31.26 -11.72
CA LYS L 70 9.02 31.03 -13.15
C LYS L 70 10.03 32.02 -13.71
N VAL L 71 10.87 31.55 -14.63
CA VAL L 71 11.89 32.39 -15.26
C VAL L 71 11.87 32.13 -16.76
N ALA L 72 12.29 33.12 -17.54
CA ALA L 72 12.33 32.99 -18.99
C ALA L 72 13.38 33.91 -19.58
N PHE L 73 13.96 33.47 -20.69
CA PHE L 73 14.98 34.21 -21.41
C PHE L 73 14.32 35.20 -22.36
N THR L 74 14.65 36.48 -22.21
CA THR L 74 14.10 37.48 -23.13
C THR L 74 14.79 37.44 -24.49
N THR L 75 16.10 37.22 -24.50
CA THR L 75 16.88 37.19 -25.73
C THR L 75 17.29 35.75 -26.04
N ARG L 76 17.38 35.45 -27.34
CA ARG L 76 17.73 34.09 -27.76
C ARG L 76 19.18 33.79 -27.41
N ILE L 77 19.41 32.58 -26.89
CA ILE L 77 20.71 32.14 -26.43
C ILE L 77 21.06 30.83 -27.11
N TYR L 78 22.28 30.73 -27.63
CA TYR L 78 22.78 29.50 -28.24
C TYR L 78 23.62 28.76 -27.21
N HIS L 79 23.06 27.67 -26.67
CA HIS L 79 23.73 26.86 -25.66
C HIS L 79 23.03 25.51 -25.59
N PRO L 80 23.78 24.42 -25.38
CA PRO L 80 23.12 23.11 -25.31
C PRO L 80 22.07 23.02 -24.23
N ASN L 81 22.26 23.75 -23.13
CA ASN L 81 21.27 23.74 -22.06
C ASN L 81 20.07 24.63 -22.39
N ILE L 82 20.29 25.72 -23.11
CA ILE L 82 19.29 26.77 -23.29
C ILE L 82 18.82 26.76 -24.75
N ASN L 83 17.53 26.56 -24.95
CA ASN L 83 16.96 26.65 -26.28
C ASN L 83 16.73 28.10 -26.68
N SER L 84 16.52 28.32 -27.98
CA SER L 84 16.22 29.65 -28.47
C SER L 84 14.82 30.09 -28.04
N ASN L 85 13.92 29.13 -27.84
CA ASN L 85 12.55 29.46 -27.45
C ASN L 85 12.51 30.10 -26.06
N GLY L 86 13.32 29.62 -25.13
CA GLY L 86 13.38 30.18 -23.80
C GLY L 86 13.07 29.24 -22.66
N SER L 87 12.83 27.96 -22.94
CA SER L 87 12.58 27.01 -21.87
C SER L 87 13.86 26.68 -21.13
N ILE L 88 13.72 26.07 -19.95
CA ILE L 88 14.84 25.72 -19.09
C ILE L 88 14.74 24.26 -18.71
N CYS L 89 15.88 23.56 -18.76
CA CYS L 89 15.98 22.16 -18.32
C CYS L 89 17.01 22.11 -17.19
N LEU L 90 16.54 22.33 -15.97
CA LEU L 90 17.40 22.39 -14.79
C LEU L 90 16.72 21.70 -13.61
N ASP L 91 17.50 20.89 -12.90
CA ASP L 91 16.94 20.07 -11.83
C ASP L 91 16.67 20.89 -10.56
N ILE L 92 17.55 21.84 -10.24
CA ILE L 92 17.44 22.56 -8.97
C ILE L 92 16.21 23.46 -8.97
N LEU L 93 15.78 23.92 -10.15
CA LEU L 93 14.67 24.86 -10.20
C LEU L 93 13.36 24.19 -9.78
N ARG L 94 13.09 22.99 -10.29
CA ARG L 94 11.83 22.32 -10.00
C ARG L 94 11.99 21.05 -9.19
N SER L 95 12.85 20.12 -9.62
CA SER L 95 12.95 18.84 -8.94
C SER L 95 13.58 18.99 -7.56
N GLN L 96 14.69 19.72 -7.47
CA GLN L 96 15.43 19.88 -6.23
C GLN L 96 15.10 21.18 -5.52
N TRP L 97 13.96 21.79 -5.82
CA TRP L 97 13.56 23.00 -5.13
C TRP L 97 13.15 22.68 -3.70
N SER L 98 13.60 23.50 -2.76
CA SER L 98 13.25 23.42 -1.36
C SER L 98 13.16 24.84 -0.80
N PRO L 99 12.43 25.03 0.29
CA PRO L 99 12.23 26.41 0.79
C PRO L 99 13.53 27.12 1.14
N ALA L 100 14.59 26.38 1.47
CA ALA L 100 15.84 27.01 1.90
C ALA L 100 16.53 27.74 0.76
N LEU L 101 16.26 27.36 -0.49
CA LEU L 101 16.91 28.03 -1.61
C LEU L 101 16.44 29.47 -1.73
N THR L 102 17.33 30.31 -2.25
CA THR L 102 17.03 31.72 -2.47
C THR L 102 17.22 32.02 -3.95
N ILE L 103 16.72 33.19 -4.35
CA ILE L 103 16.89 33.62 -5.75
C ILE L 103 18.37 33.83 -6.06
N SER L 104 19.14 34.29 -5.07
CA SER L 104 20.58 34.46 -5.29
C SER L 104 21.24 33.13 -5.63
N LYS L 105 20.86 32.06 -4.93
CA LYS L 105 21.46 30.76 -5.17
C LYS L 105 21.15 30.27 -6.59
N VAL L 106 19.90 30.40 -7.03
CA VAL L 106 19.55 29.90 -8.35
C VAL L 106 20.21 30.75 -9.44
N LEU L 107 20.29 32.07 -9.23
CA LEU L 107 20.93 32.89 -10.26
C LEU L 107 22.43 32.60 -10.34
N LEU L 108 23.09 32.38 -9.21
CA LEU L 108 24.52 32.04 -9.27
C LEU L 108 24.71 30.64 -9.87
N SER L 109 23.76 29.73 -9.63
CA SER L 109 23.82 28.42 -10.27
C SER L 109 23.71 28.56 -11.79
N ILE L 110 22.80 29.42 -12.26
CA ILE L 110 22.66 29.65 -13.69
C ILE L 110 23.94 30.26 -14.26
N ALA L 111 24.54 31.21 -13.52
CA ALA L 111 25.79 31.81 -13.96
C ALA L 111 26.88 30.75 -14.08
N SER L 112 26.98 29.84 -13.11
CA SER L 112 27.94 28.75 -13.19
C SER L 112 27.65 27.85 -14.39
N LEU L 113 26.36 27.57 -14.65
CA LEU L 113 25.99 26.74 -15.79
C LEU L 113 26.43 27.38 -17.10
N LEU L 114 26.35 28.71 -17.18
CA LEU L 114 26.70 29.40 -18.42
C LEU L 114 28.16 29.15 -18.79
N ASP L 115 29.02 28.89 -17.79
CA ASP L 115 30.43 28.66 -18.07
C ASP L 115 30.64 27.35 -18.83
N ASP L 116 30.02 26.27 -18.38
CA ASP L 116 30.23 24.94 -18.96
C ASP L 116 28.92 24.29 -19.36
N PRO L 117 28.77 23.85 -20.61
CA PRO L 117 27.55 23.14 -21.01
C PRO L 117 27.47 21.77 -20.36
N ASN L 118 26.25 21.31 -20.13
CA ASN L 118 26.00 20.00 -19.54
C ASN L 118 25.29 19.11 -20.54
N PRO L 119 25.97 18.14 -21.14
CA PRO L 119 25.33 17.25 -22.12
C PRO L 119 24.70 15.99 -21.53
N ASP L 120 24.65 15.87 -20.20
CA ASP L 120 24.05 14.68 -19.59
C ASP L 120 22.56 14.60 -19.90
N ASP L 121 21.86 15.72 -19.83
CA ASP L 121 20.41 15.78 -20.10
C ASP L 121 20.15 16.89 -21.10
N PRO L 122 20.45 16.66 -22.38
CA PRO L 122 20.27 17.71 -23.39
C PRO L 122 18.80 17.93 -23.72
N LYS L 123 18.32 19.14 -23.45
CA LYS L 123 16.95 19.49 -23.83
C LYS L 123 16.78 19.48 -25.34
N VAL L 124 17.75 20.01 -26.07
CA VAL L 124 17.74 20.06 -27.52
C VAL L 124 18.89 19.20 -28.02
N PRO L 125 18.64 18.16 -28.83
CA PRO L 125 19.70 17.19 -29.12
C PRO L 125 20.74 17.68 -30.12
N GLU L 126 20.33 18.39 -31.18
CA GLU L 126 21.27 18.69 -32.26
C GLU L 126 22.35 19.67 -31.82
N ILE L 127 21.98 20.69 -31.03
CA ILE L 127 22.98 21.66 -30.58
C ILE L 127 23.96 21.02 -29.62
N ALA L 128 23.47 20.15 -28.74
CA ALA L 128 24.36 19.44 -27.83
C ALA L 128 25.30 18.52 -28.61
N ARG L 129 24.79 17.84 -29.63
CA ARG L 129 25.64 16.98 -30.46
C ARG L 129 26.71 17.79 -31.18
N ILE L 130 26.33 18.96 -31.72
CA ILE L 130 27.29 19.81 -32.42
C ILE L 130 28.38 20.28 -31.45
N TYR L 131 27.99 20.69 -30.24
CA TYR L 131 28.97 21.10 -29.25
C TYR L 131 29.90 19.94 -28.87
N LYS L 132 29.34 18.75 -28.71
CA LYS L 132 30.15 17.59 -28.33
C LYS L 132 31.12 17.21 -29.44
N THR L 133 30.72 17.41 -30.69
CA THR L 133 31.58 17.03 -31.82
C THR L 133 32.90 17.78 -31.79
N ASP L 134 32.85 19.09 -31.59
CA ASP L 134 34.06 19.91 -31.52
C ASP L 134 33.76 21.20 -30.77
N ARG L 135 34.75 21.67 -30.00
CA ARG L 135 34.54 22.88 -29.19
C ARG L 135 34.66 24.14 -30.03
N ASP L 136 35.52 24.12 -31.06
CA ASP L 136 35.82 25.34 -31.80
C ASP L 136 34.60 25.86 -32.54
N LYS L 137 33.87 24.98 -33.23
CA LYS L 137 32.69 25.43 -33.97
C LYS L 137 31.63 25.99 -33.03
N TYR L 138 31.40 25.32 -31.90
CA TYR L 138 30.45 25.82 -30.91
C TYR L 138 30.90 27.16 -30.38
N ASN L 139 32.20 27.33 -30.11
CA ASN L 139 32.70 28.60 -29.61
C ASN L 139 32.45 29.71 -30.61
N ARG L 140 32.72 29.45 -31.90
CA ARG L 140 32.54 30.48 -32.92
C ARG L 140 31.06 30.85 -33.08
N ILE L 141 30.18 29.86 -33.14
CA ILE L 141 28.77 30.15 -33.32
C ILE L 141 28.22 30.87 -32.10
N SER L 142 28.64 30.47 -30.90
CA SER L 142 28.19 31.16 -29.69
C SER L 142 28.68 32.60 -29.65
N ARG L 143 29.95 32.83 -30.03
CA ARG L 143 30.47 34.20 -30.04
C ARG L 143 29.69 35.08 -31.02
N GLU L 144 29.49 34.61 -32.24
CA GLU L 144 28.78 35.45 -33.21
C GLU L 144 27.32 35.63 -32.81
N TRP L 145 26.71 34.58 -32.22
CA TRP L 145 25.31 34.68 -31.77
C TRP L 145 25.16 35.71 -30.65
N THR L 146 26.07 35.70 -29.68
CA THR L 146 25.94 36.63 -28.56
C THR L 146 26.35 38.05 -28.98
N GLN L 147 27.18 38.16 -30.02
CA GLN L 147 27.52 39.49 -30.52
C GLN L 147 26.37 40.09 -31.33
N LYS L 148 25.71 39.28 -32.15
CA LYS L 148 24.69 39.83 -33.05
C LYS L 148 23.38 40.13 -32.32
N TYR L 149 23.05 39.34 -31.29
CA TYR L 149 21.77 39.49 -30.62
C TYR L 149 21.84 40.32 -29.35
N ALA L 150 22.75 39.97 -28.42
CA ALA L 150 22.82 40.68 -27.15
C ALA L 150 23.19 42.14 -27.34
N MET L 151 24.13 42.42 -28.23
CA MET L 151 24.55 43.79 -28.51
C MET L 151 24.12 44.21 -29.91
N MET M 6 24.62 63.90 -2.59
CA MET M 6 24.13 62.92 -1.64
C MET M 6 24.82 61.60 -1.97
N GLN M 7 25.41 60.94 -0.98
CA GLN M 7 26.25 59.77 -1.27
C GLN M 7 25.44 58.65 -1.92
N ILE M 8 25.99 58.08 -2.97
CA ILE M 8 25.39 56.95 -3.68
C ILE M 8 26.51 56.00 -4.09
N PHE M 9 26.23 54.71 -4.00
CA PHE M 9 27.19 53.66 -4.36
C PHE M 9 26.92 53.21 -5.79
N VAL M 10 27.99 53.11 -6.59
CA VAL M 10 27.91 52.53 -7.92
C VAL M 10 29.03 51.51 -8.07
N LYS M 11 28.68 50.33 -8.58
CA LYS M 11 29.61 49.21 -8.70
C LYS M 11 29.65 48.74 -10.15
N THR M 12 30.85 48.59 -10.69
CA THR M 12 31.02 48.20 -12.08
C THR M 12 31.04 46.67 -12.19
N LEU M 13 31.36 46.16 -13.38
CA LEU M 13 31.47 44.73 -13.59
C LEU M 13 32.77 44.14 -13.05
N THR M 14 33.72 44.99 -12.65
CA THR M 14 34.99 44.54 -12.11
C THR M 14 34.96 44.36 -10.59
N GLY M 15 33.81 44.58 -9.96
CA GLY M 15 33.69 44.39 -8.53
C GLY M 15 34.11 45.56 -7.68
N LYS M 16 34.38 46.72 -8.28
CA LYS M 16 34.76 47.92 -7.53
C LYS M 16 33.54 48.80 -7.33
N THR M 17 33.34 49.24 -6.08
CA THR M 17 32.23 50.11 -5.72
C THR M 17 32.78 51.45 -5.27
N ILE M 18 32.22 52.54 -5.82
CA ILE M 18 32.67 53.88 -5.51
C ILE M 18 31.48 54.74 -5.12
N THR M 19 31.77 55.81 -4.39
CA THR M 19 30.75 56.70 -3.82
C THR M 19 30.77 58.02 -4.57
N LEU M 20 29.60 58.49 -4.96
CA LEU M 20 29.45 59.76 -5.68
C LEU M 20 28.35 60.58 -5.05
N GLU M 21 28.53 61.90 -5.05
CA GLU M 21 27.52 62.82 -4.54
C GLU M 21 26.57 63.19 -5.69
N VAL M 22 25.29 62.84 -5.53
CA VAL M 22 24.28 63.08 -6.54
C VAL M 22 22.99 63.50 -5.84
N GLU M 23 22.48 64.68 -6.21
CA GLU M 23 21.20 65.07 -5.65
C GLU M 23 20.06 64.38 -6.41
N PRO M 24 18.90 64.19 -5.76
CA PRO M 24 17.79 63.48 -6.43
C PRO M 24 17.33 64.14 -7.72
N SER M 25 17.47 65.46 -7.85
CA SER M 25 17.01 66.15 -9.05
C SER M 25 17.93 65.91 -10.25
N ASP M 26 19.11 65.33 -10.05
CA ASP M 26 20.03 65.11 -11.16
C ASP M 26 19.47 64.12 -12.16
N THR M 27 19.69 64.41 -13.44
CA THR M 27 19.35 63.49 -14.51
C THR M 27 20.40 62.38 -14.59
N ILE M 28 20.08 61.35 -15.39
CA ILE M 28 21.04 60.27 -15.58
C ILE M 28 22.25 60.75 -16.36
N GLU M 29 22.04 61.65 -17.34
CA GLU M 29 23.19 62.22 -18.04
C GLU M 29 24.02 63.10 -17.11
N ASN M 30 23.40 63.71 -16.11
CA ASN M 30 24.17 64.44 -15.10
C ASN M 30 25.07 63.49 -14.31
N VAL M 31 24.55 62.30 -13.96
CA VAL M 31 25.36 61.31 -13.27
C VAL M 31 26.49 60.83 -14.17
N LYS M 32 26.20 60.65 -15.47
CA LYS M 32 27.26 60.26 -16.40
C LYS M 32 28.34 61.33 -16.50
N ALA M 33 27.94 62.60 -16.53
CA ALA M 33 28.91 63.68 -16.56
C ALA M 33 29.74 63.73 -15.29
N LYS M 34 29.11 63.47 -14.14
CA LYS M 34 29.86 63.39 -12.89
C LYS M 34 30.85 62.24 -12.93
N ILE M 35 30.45 61.10 -13.50
CA ILE M 35 31.34 59.96 -13.65
C ILE M 35 32.53 60.33 -14.52
N GLN M 36 32.28 61.03 -15.62
CA GLN M 36 33.37 61.55 -16.45
C GLN M 36 34.28 62.45 -15.64
N ASP M 37 33.70 63.29 -14.78
CA ASP M 37 34.50 64.19 -13.97
C ASP M 37 35.40 63.44 -13.00
N LYS M 38 34.91 62.33 -12.43
CA LYS M 38 35.68 61.65 -11.39
C LYS M 38 36.66 60.60 -11.92
N GLU M 39 36.28 59.79 -12.91
CA GLU M 39 37.25 58.92 -13.60
C GLU M 39 37.40 59.25 -15.08
N GLY M 40 36.30 59.45 -15.80
CA GLY M 40 36.39 59.72 -17.22
C GLY M 40 36.11 58.56 -18.14
N ILE M 41 35.59 57.45 -17.64
CA ILE M 41 35.22 56.32 -18.48
C ILE M 41 34.07 56.75 -19.38
N PRO M 42 34.20 56.63 -20.69
CA PRO M 42 33.21 57.21 -21.61
C PRO M 42 31.83 56.64 -21.37
N PRO M 43 30.79 57.49 -21.46
CA PRO M 43 29.43 57.02 -21.12
C PRO M 43 28.79 56.16 -22.18
N ASP M 44 29.27 56.18 -23.43
CA ASP M 44 28.63 55.42 -24.49
C ASP M 44 28.69 53.92 -24.20
N GLN M 45 29.84 53.44 -23.73
CA GLN M 45 29.96 52.03 -23.34
C GLN M 45 29.27 51.72 -22.02
N GLN M 46 28.91 52.74 -21.24
CA GLN M 46 28.33 52.54 -19.92
C GLN M 46 26.83 52.38 -20.01
N ARG M 47 26.30 51.42 -19.24
CA ARG M 47 24.87 51.33 -19.00
C ARG M 47 24.63 51.14 -17.52
N LEU M 48 23.63 51.83 -16.99
CA LEU M 48 23.31 51.84 -15.57
C LEU M 48 22.08 50.99 -15.32
N ILE M 49 22.14 50.16 -14.28
CA ILE M 49 21.09 49.20 -13.95
C ILE M 49 20.70 49.38 -12.50
N PHE M 50 19.39 49.43 -12.24
CA PHE M 50 18.84 49.45 -10.89
C PHE M 50 17.40 49.02 -10.96
N ALA M 51 16.98 48.22 -9.97
CA ALA M 51 15.61 47.70 -9.90
C ALA M 51 15.23 46.96 -11.17
N GLY M 52 16.20 46.25 -11.77
CA GLY M 52 15.96 45.49 -12.97
C GLY M 52 15.71 46.32 -14.20
N LYS M 53 15.89 47.63 -14.12
CA LYS M 53 15.62 48.53 -15.23
C LYS M 53 16.87 49.34 -15.56
N GLN M 54 17.17 49.44 -16.85
CA GLN M 54 18.28 50.27 -17.30
C GLN M 54 17.89 51.73 -17.22
N LEU M 55 18.73 52.54 -16.58
CA LEU M 55 18.42 53.95 -16.41
C LEU M 55 18.46 54.68 -17.75
N GLU M 56 17.49 55.58 -17.94
CA GLU M 56 17.35 56.34 -19.17
C GLU M 56 17.64 57.80 -18.90
N ASP M 57 18.47 58.41 -19.75
CA ASP M 57 18.87 59.80 -19.54
C ASP M 57 17.68 60.77 -19.66
N GLY M 58 16.58 60.34 -20.27
CA GLY M 58 15.42 61.20 -20.43
C GLY M 58 14.57 61.36 -19.20
N ARG M 59 14.89 60.67 -18.11
CA ARG M 59 14.14 60.75 -16.86
C ARG M 59 15.07 61.17 -15.73
N THR M 60 14.64 62.17 -14.96
CA THR M 60 15.41 62.60 -13.81
C THR M 60 15.33 61.56 -12.69
N LEU M 61 16.34 61.58 -11.82
CA LEU M 61 16.36 60.65 -10.69
C LEU M 61 15.29 60.94 -9.67
N SER M 62 14.66 62.13 -9.73
CA SER M 62 13.60 62.45 -8.78
C SER M 62 12.41 61.52 -8.95
N ASP M 63 12.04 61.22 -10.19
CA ASP M 63 10.91 60.33 -10.46
C ASP M 63 11.30 58.86 -10.38
N TYR M 64 12.60 58.54 -10.26
CA TYR M 64 13.03 57.15 -10.17
C TYR M 64 12.82 56.56 -8.78
N ASN M 65 12.57 57.39 -7.77
CA ASN M 65 12.28 56.94 -6.40
C ASN M 65 13.42 56.08 -5.85
N ILE M 66 14.60 56.70 -5.73
CA ILE M 66 15.79 56.05 -5.23
C ILE M 66 16.14 56.66 -3.88
N GLN M 67 16.31 55.81 -2.87
CA GLN M 67 16.61 56.26 -1.52
C GLN M 67 18.12 56.41 -1.34
N LYS M 68 18.52 56.76 -0.11
CA LYS M 68 19.93 56.99 0.19
C LYS M 68 20.68 55.66 0.31
N GLU M 69 22.00 55.75 0.11
CA GLU M 69 22.93 54.64 0.30
C GLU M 69 22.64 53.45 -0.62
N SER M 70 21.93 53.69 -1.72
CA SER M 70 21.63 52.62 -2.65
C SER M 70 22.86 52.27 -3.48
N THR M 71 22.79 51.13 -4.16
CA THR M 71 23.86 50.64 -5.02
C THR M 71 23.34 50.42 -6.43
N LEU M 72 24.05 51.00 -7.40
CA LEU M 72 23.72 50.87 -8.81
C LEU M 72 24.73 49.95 -9.47
N HIS M 73 24.34 49.35 -10.60
CA HIS M 73 25.22 48.47 -11.36
C HIS M 73 25.61 49.13 -12.66
N LEU M 74 26.88 48.97 -13.04
CA LEU M 74 27.40 49.51 -14.28
C LEU M 74 27.89 48.38 -15.16
N VAL M 75 27.41 48.33 -16.40
CA VAL M 75 27.82 47.32 -17.37
C VAL M 75 28.44 48.03 -18.57
N LEU M 76 29.64 47.60 -18.94
CA LEU M 76 30.37 48.20 -20.06
C LEU M 76 30.00 47.48 -21.35
N ARG M 77 29.69 48.26 -22.38
CA ARG M 77 29.32 47.73 -23.69
C ARG M 77 30.51 47.95 -24.62
N LEU M 78 31.31 46.90 -24.79
CA LEU M 78 32.50 46.98 -25.63
C LEU M 78 32.14 47.24 -27.08
N ARG M 79 32.48 48.42 -27.59
CA ARG M 79 32.19 48.78 -28.97
C ARG M 79 33.22 48.12 -29.88
N GLY M 80 32.87 46.97 -30.44
CA GLY M 80 33.78 46.24 -31.30
C GLY M 80 34.03 44.83 -30.81
N GLY M 81 34.21 43.90 -31.73
CA GLY M 81 34.46 42.51 -31.39
C GLY M 81 33.41 41.56 -31.91
ZN ZN N . 18.42 19.57 8.65
ZN ZN O . 8.75 28.77 9.30
#